data_8P6I
#
_entry.id   8P6I
#
_cell.length_a   211.833
_cell.length_b   42.757
_cell.length_c   129.064
_cell.angle_alpha   90.000
_cell.angle_beta   122.306
_cell.angle_gamma   90.000
#
_symmetry.space_group_name_H-M   'C 1 2 1'
#
loop_
_entity.id
_entity.type
_entity.pdbx_description
1 polymer Mucin-1
2 polymer '139H2 HC'
3 polymer '139H2 LC'
4 water water
#
loop_
_entity_poly.entity_id
_entity_poly.type
_entity_poly.pdbx_seq_one_letter_code
_entity_poly.pdbx_strand_id
1 'polypeptide(L)' APDTRPAPG A,a
2 'polypeptide(L)'
;QVQLQQSGAELVKPGASVKLSCKASGYTFTNYYMYWVLQRPGQGLEWIGEINPSNGGTTFNEKFKNKATLTVDKSSSTAY
MQLNSLTSEDSAVYYCTRSRYGNYVNYGMDYWGQGTSVTVSSASTTPPSVYPLAPGSAAQTNSMVTLGCLVKGYFPEPVT
VTWNSGSLSSGVHTFPAVLQSDLYTLSSSVTVPSSPRPSETVTCNVAHPASSTKVDKKIVPRDCGAAAHHHHHHHH
;
H,h
3 'polypeptide(L)'
;DIVMSQSPSSLAVSVGEKVTMSCKSSQSLLYSNTQKNYLAWYQQKPGQSPKLLIYWASTRESGVPDRFTGSGSGTDFTLT
ISSVKAENLAVYYCQQYYRYPPTFGGGTKLELKRADAAPTVSIFPPSSEQLTSGGASVVCFLNNFYPKDINVKWKIDGSE
RQNGVLNSWTDQDSKDSTYSMSSTLTLTKDEYERHNSYTCEATHKTSTSPIVKSFNRNEC
;
L,l
#
# COMPACT_ATOMS: atom_id res chain seq x y z
N ALA A 1 -12.03 -21.86 44.22
CA ALA A 1 -12.45 -20.89 45.27
C ALA A 1 -12.14 -19.48 44.79
N PRO A 2 -13.04 -18.52 45.00
CA PRO A 2 -12.76 -17.12 44.68
C PRO A 2 -11.51 -16.55 45.33
N ASP A 3 -10.93 -15.52 44.69
CA ASP A 3 -9.97 -14.66 45.34
C ASP A 3 -10.78 -13.76 46.27
N THR A 4 -10.41 -13.77 47.55
CA THR A 4 -11.19 -13.09 48.59
C THR A 4 -10.46 -11.85 49.08
N ARG A 5 -11.24 -10.91 49.64
CA ARG A 5 -10.72 -9.70 50.26
C ARG A 5 -11.33 -9.51 51.63
N PRO A 6 -10.60 -8.86 52.55
CA PRO A 6 -11.17 -8.42 53.82
C PRO A 6 -12.06 -7.20 53.64
N ALA A 7 -13.03 -7.02 54.54
CA ALA A 7 -13.93 -5.88 54.46
C ALA A 7 -13.15 -4.58 54.68
N PRO A 8 -13.45 -3.52 53.89
CA PRO A 8 -12.74 -2.25 54.04
C PRO A 8 -13.20 -1.46 55.27
N GLY A 9 -12.22 -1.02 56.07
CA GLY A 9 -12.53 -0.27 57.28
C GLY A 9 -11.67 -0.76 58.43
N GLN B 1 -26.81 12.46 45.84
CA GLN B 1 -26.09 12.02 47.06
C GLN B 1 -24.74 11.39 46.66
N VAL B 2 -24.62 10.07 46.43
CA VAL B 2 -23.32 9.48 46.13
C VAL B 2 -22.75 10.01 44.81
N GLN B 3 -21.48 10.44 44.84
CA GLN B 3 -20.87 11.19 43.75
C GLN B 3 -19.38 10.90 43.70
N LEU B 4 -18.86 10.63 42.49
CA LEU B 4 -17.43 10.59 42.24
C LEU B 4 -17.11 11.66 41.20
N GLN B 5 -16.33 12.67 41.63
CA GLN B 5 -15.96 13.78 40.77
C GLN B 5 -14.50 13.62 40.34
N GLN B 6 -14.30 13.29 39.06
CA GLN B 6 -12.95 13.15 38.56
C GLN B 6 -12.43 14.48 38.01
N SER B 7 -11.11 14.60 37.90
CA SER B 7 -10.44 15.83 37.51
C SER B 7 -10.53 16.04 35.99
N GLY B 8 -10.09 17.24 35.54
CA GLY B 8 -10.28 17.67 34.16
C GLY B 8 -9.50 16.82 33.17
N ALA B 9 -9.81 16.97 31.88
CA ALA B 9 -9.10 16.27 30.82
C ALA B 9 -7.62 16.68 30.80
N GLU B 10 -6.82 15.82 30.18
CA GLU B 10 -5.37 15.91 30.21
C GLU B 10 -4.82 15.72 28.81
N LEU B 11 -3.81 16.54 28.50
CA LEU B 11 -3.14 16.57 27.22
C LEU B 11 -1.65 16.65 27.51
N VAL B 12 -0.86 15.60 27.18
CA VAL B 12 0.53 15.57 27.59
C VAL B 12 1.41 14.90 26.54
N LYS B 13 2.73 15.11 26.69
CA LYS B 13 3.73 14.59 25.77
C LYS B 13 4.12 13.18 26.21
N PRO B 14 4.61 12.31 25.28
CA PRO B 14 5.15 11.00 25.68
C PRO B 14 6.24 11.13 26.75
N GLY B 15 6.24 10.19 27.71
CA GLY B 15 7.23 10.19 28.78
C GLY B 15 6.81 11.02 29.99
N ALA B 16 5.69 11.74 29.88
CA ALA B 16 5.17 12.54 30.98
C ALA B 16 4.45 11.64 31.98
N SER B 17 4.04 12.28 33.09
CA SER B 17 3.13 11.70 34.07
C SER B 17 1.88 12.56 34.20
N VAL B 18 0.75 11.92 34.54
CA VAL B 18 -0.41 12.64 35.03
C VAL B 18 -0.77 12.08 36.40
N LYS B 19 -1.38 12.91 37.23
CA LYS B 19 -1.98 12.48 38.48
C LYS B 19 -3.46 12.85 38.40
N LEU B 20 -4.30 11.87 38.10
CA LEU B 20 -5.74 12.03 38.09
C LEU B 20 -6.25 12.00 39.53
N SER B 21 -7.35 12.74 39.79
CA SER B 21 -8.03 12.69 41.09
C SER B 21 -9.49 12.27 40.92
N CYS B 22 -10.11 11.89 42.04
CA CYS B 22 -11.48 11.40 42.07
C CYS B 22 -12.08 11.67 43.43
N LYS B 23 -12.72 12.84 43.59
CA LYS B 23 -13.26 13.24 44.88
C LYS B 23 -14.57 12.50 45.14
N ALA B 24 -14.66 11.84 46.29
CA ALA B 24 -15.81 11.03 46.67
C ALA B 24 -16.62 11.79 47.72
N SER B 25 -17.95 11.79 47.55
CA SER B 25 -18.85 12.40 48.50
C SER B 25 -20.14 11.57 48.59
N GLY B 26 -20.87 11.72 49.71
CA GLY B 26 -22.19 11.14 49.85
C GLY B 26 -22.18 9.76 50.50
N TYR B 27 -21.01 9.28 50.93
CA TYR B 27 -20.89 7.97 51.56
C TYR B 27 -19.61 7.95 52.38
N THR B 28 -19.49 6.97 53.28
CA THR B 28 -18.24 6.79 53.99
C THR B 28 -17.19 6.21 53.05
N PHE B 29 -16.22 7.05 52.68
CA PHE B 29 -15.16 6.73 51.75
C PHE B 29 -14.46 5.41 52.10
N THR B 30 -14.16 5.22 53.40
CA THR B 30 -13.24 4.19 53.85
C THR B 30 -13.92 2.82 53.88
N ASN B 31 -15.20 2.76 53.49
CA ASN B 31 -15.95 1.53 53.63
C ASN B 31 -16.17 0.84 52.29
N TYR B 32 -15.52 1.33 51.22
CA TYR B 32 -15.66 0.70 49.91
C TYR B 32 -14.32 0.67 49.23
N TYR B 33 -13.98 -0.45 48.62
CA TYR B 33 -12.83 -0.48 47.75
C TYR B 33 -13.08 0.44 46.57
N MET B 34 -12.02 1.12 46.14
CA MET B 34 -12.06 1.97 44.97
C MET B 34 -11.32 1.28 43.82
N TYR B 35 -12.02 1.10 42.68
CA TYR B 35 -11.49 0.48 41.48
C TYR B 35 -11.19 1.56 40.46
N TRP B 36 -10.16 1.34 39.63
CA TRP B 36 -9.91 2.19 38.46
C TRP B 36 -9.93 1.37 37.19
N VAL B 37 -10.61 1.92 36.19
CA VAL B 37 -10.93 1.22 34.95
C VAL B 37 -10.62 2.16 33.79
N LEU B 38 -10.05 1.62 32.70
CA LEU B 38 -9.81 2.45 31.53
C LEU B 38 -10.59 1.93 30.34
N GLN B 39 -10.83 2.85 29.39
CA GLN B 39 -11.51 2.58 28.13
C GLN B 39 -10.77 3.29 26.99
N ARG B 40 -10.01 2.51 26.22
CA ARG B 40 -9.30 3.05 25.07
C ARG B 40 -10.34 3.42 24.02
N PRO B 41 -10.04 4.41 23.16
CA PRO B 41 -11.03 4.95 22.22
C PRO B 41 -11.64 3.88 21.33
N GLY B 42 -12.97 3.79 21.41
CA GLY B 42 -13.76 2.84 20.63
C GLY B 42 -13.53 1.40 21.08
N GLN B 43 -13.32 1.17 22.38
CA GLN B 43 -12.97 -0.17 22.84
C GLN B 43 -13.68 -0.51 24.13
N GLY B 44 -13.37 -1.70 24.65
CA GLY B 44 -13.98 -2.23 25.86
C GLY B 44 -13.39 -1.62 27.13
N LEU B 45 -13.72 -2.27 28.26
CA LEU B 45 -13.32 -1.83 29.58
C LEU B 45 -12.27 -2.77 30.11
N GLU B 46 -11.30 -2.19 30.81
CA GLU B 46 -10.20 -2.94 31.40
C GLU B 46 -9.92 -2.37 32.79
N TRP B 47 -9.83 -3.28 33.75
CA TRP B 47 -9.53 -2.96 35.13
C TRP B 47 -8.05 -2.67 35.31
N ILE B 48 -7.73 -1.56 36.00
CA ILE B 48 -6.35 -1.18 36.28
C ILE B 48 -5.92 -1.72 37.64
N GLY B 49 -6.71 -1.45 38.68
CA GLY B 49 -6.29 -1.80 40.03
C GLY B 49 -7.29 -1.31 41.07
N GLU B 50 -7.06 -1.73 42.32
CA GLU B 50 -7.93 -1.36 43.43
C GLU B 50 -7.09 -0.71 44.51
N ILE B 51 -7.77 0.12 45.32
CA ILE B 51 -7.18 0.61 46.54
C ILE B 51 -8.19 0.46 47.67
N ASN B 52 -7.69 0.09 48.85
CA ASN B 52 -8.50 0.04 50.06
C ASN B 52 -8.27 1.36 50.74
N PRO B 53 -9.22 2.30 50.70
CA PRO B 53 -8.96 3.65 51.21
C PRO B 53 -8.73 3.71 52.72
N SER B 54 -9.08 2.66 53.48
CA SER B 54 -8.92 2.70 54.92
C SER B 54 -7.47 2.43 55.34
N ASN B 55 -6.68 1.67 54.56
CA ASN B 55 -5.27 1.47 54.87
C ASN B 55 -4.33 1.82 53.72
N GLY B 56 -4.86 2.06 52.51
CA GLY B 56 -4.08 2.48 51.35
C GLY B 56 -3.43 1.32 50.58
N GLY B 57 -3.77 0.10 50.93
CA GLY B 57 -3.25 -1.05 50.23
C GLY B 57 -3.87 -1.17 48.84
N THR B 58 -3.07 -1.74 47.92
CA THR B 58 -3.40 -1.74 46.51
C THR B 58 -3.15 -3.11 45.91
N THR B 59 -3.84 -3.37 44.80
CA THR B 59 -3.49 -4.45 43.87
C THR B 59 -3.70 -3.92 42.46
N PHE B 60 -2.76 -4.30 41.56
CA PHE B 60 -2.84 -3.93 40.17
C PHE B 60 -2.98 -5.14 39.25
N ASN B 61 -3.47 -4.84 38.05
CA ASN B 61 -3.42 -5.73 36.90
C ASN B 61 -1.95 -5.90 36.52
N GLU B 62 -1.48 -7.13 36.26
CA GLU B 62 -0.13 -7.35 35.75
C GLU B 62 0.25 -6.28 34.73
N LYS B 63 -0.67 -5.96 33.81
CA LYS B 63 -0.38 -5.07 32.70
C LYS B 63 -0.08 -3.63 33.15
N PHE B 64 -0.36 -3.25 34.41
CA PHE B 64 -0.18 -1.88 34.88
C PHE B 64 0.71 -1.80 36.13
N LYS B 65 1.42 -2.89 36.44
CA LYS B 65 2.38 -2.96 37.53
C LYS B 65 3.13 -1.64 37.68
N ASN B 66 3.87 -1.24 36.64
CA ASN B 66 4.79 -0.11 36.76
C ASN B 66 4.14 1.16 36.23
N LYS B 67 2.99 1.01 35.60
CA LYS B 67 2.36 2.15 34.94
C LYS B 67 1.71 3.06 35.97
N ALA B 68 1.00 2.48 36.97
CA ALA B 68 0.07 3.22 37.80
C ALA B 68 0.47 3.19 39.28
N THR B 69 0.22 4.29 39.98
CA THR B 69 0.32 4.37 41.43
C THR B 69 -1.01 4.83 41.99
N LEU B 70 -1.55 4.13 43.00
CA LEU B 70 -2.81 4.53 43.60
C LEU B 70 -2.60 4.98 45.04
N THR B 71 -3.26 6.08 45.42
CA THR B 71 -3.20 6.60 46.78
C THR B 71 -4.55 7.20 47.16
N VAL B 72 -4.67 7.61 48.43
CA VAL B 72 -5.83 8.35 48.93
C VAL B 72 -5.39 9.40 49.93
N ASP B 73 -6.17 10.49 50.01
CA ASP B 73 -6.17 11.39 51.15
C ASP B 73 -7.49 11.18 51.91
N LYS B 74 -7.45 10.46 53.04
CA LYS B 74 -8.66 10.19 53.82
C LYS B 74 -9.35 11.49 54.26
N SER B 75 -8.57 12.50 54.66
CA SER B 75 -9.16 13.71 55.20
C SER B 75 -9.91 14.54 54.12
N SER B 76 -9.77 14.18 52.84
CA SER B 76 -10.47 14.87 51.78
C SER B 76 -11.28 13.91 50.90
N SER B 77 -11.29 12.61 51.24
CA SER B 77 -12.05 11.62 50.48
C SER B 77 -11.71 11.68 48.99
N THR B 78 -10.42 11.65 48.67
CA THR B 78 -9.95 11.72 47.30
C THR B 78 -9.06 10.51 47.03
N ALA B 79 -9.35 9.82 45.93
CA ALA B 79 -8.48 8.78 45.40
C ALA B 79 -7.68 9.39 44.27
N TYR B 80 -6.43 8.94 44.15
CA TYR B 80 -5.55 9.45 43.12
C TYR B 80 -4.99 8.29 42.33
N MET B 81 -4.79 8.52 41.04
CA MET B 81 -4.04 7.58 40.23
C MET B 81 -3.01 8.35 39.42
N GLN B 82 -1.77 7.91 39.53
CA GLN B 82 -0.70 8.50 38.76
C GLN B 82 -0.25 7.51 37.71
N LEU B 83 -0.12 8.00 36.47
CA LEU B 83 0.38 7.20 35.36
C LEU B 83 1.77 7.70 34.98
N ASN B 84 2.68 6.77 34.67
CA ASN B 84 4.08 7.08 34.39
C ASN B 84 4.46 6.65 32.99
N SER B 85 5.56 7.19 32.49
CA SER B 85 6.16 6.76 31.23
C SER B 85 5.06 6.63 30.18
N LEU B 86 4.35 7.73 29.94
CA LEU B 86 3.15 7.67 29.11
C LEU B 86 3.51 7.52 27.64
N THR B 87 2.90 6.49 27.00
CA THR B 87 2.92 6.33 25.55
C THR B 87 1.55 6.71 24.99
N SER B 88 1.41 6.66 23.66
CA SER B 88 0.15 7.02 23.03
C SER B 88 -0.85 5.87 23.15
N GLU B 89 -0.33 4.66 23.40
CA GLU B 89 -1.13 3.51 23.79
C GLU B 89 -1.96 3.82 25.04
N ASP B 90 -1.53 4.78 25.88
CA ASP B 90 -2.23 5.03 27.14
C ASP B 90 -3.31 6.11 27.01
N SER B 91 -3.53 6.62 25.80
CA SER B 91 -4.60 7.57 25.57
C SER B 91 -5.92 6.84 25.73
N ALA B 92 -6.81 7.38 26.57
CA ALA B 92 -8.04 6.68 26.92
C ALA B 92 -8.85 7.55 27.89
N VAL B 93 -10.04 7.07 28.22
CA VAL B 93 -10.81 7.61 29.33
C VAL B 93 -10.53 6.70 30.53
N TYR B 94 -10.19 7.32 31.67
CA TYR B 94 -9.90 6.63 32.91
C TYR B 94 -11.00 6.91 33.91
N TYR B 95 -11.64 5.86 34.40
CA TYR B 95 -12.72 5.94 35.39
C TYR B 95 -12.22 5.51 36.77
N CYS B 96 -12.64 6.21 37.82
CA CYS B 96 -12.62 5.64 39.17
C CYS B 96 -14.03 5.15 39.46
N THR B 97 -14.17 4.13 40.29
CA THR B 97 -15.47 3.52 40.54
C THR B 97 -15.50 2.87 41.90
N ARG B 98 -16.61 3.07 42.60
CA ARG B 98 -16.88 2.41 43.86
C ARG B 98 -17.36 0.98 43.61
N SER B 99 -16.78 0.03 44.36
CA SER B 99 -17.30 -1.33 44.35
C SER B 99 -18.01 -1.64 45.66
N ARG B 100 -19.07 -2.44 45.55
CA ARG B 100 -19.75 -2.97 46.72
C ARG B 100 -19.06 -4.26 47.14
N TYR B 101 -19.08 -4.49 48.46
CA TYR B 101 -18.38 -5.59 49.08
C TYR B 101 -19.40 -6.52 49.74
N GLY B 102 -19.15 -7.83 49.66
CA GLY B 102 -20.07 -8.83 50.18
C GLY B 102 -19.65 -10.23 49.75
N ASN B 103 -19.85 -11.21 50.65
CA ASN B 103 -19.35 -12.56 50.47
C ASN B 103 -17.87 -12.56 50.11
N TYR B 104 -17.12 -11.61 50.69
CA TYR B 104 -15.67 -11.55 50.63
C TYR B 104 -15.13 -11.08 49.28
N VAL B 105 -15.99 -10.51 48.43
CA VAL B 105 -15.53 -9.97 47.17
C VAL B 105 -16.19 -8.63 46.90
N ASN B 106 -15.61 -7.92 45.93
CA ASN B 106 -16.19 -6.74 45.33
C ASN B 106 -17.06 -7.20 44.16
N TYR B 107 -18.38 -7.12 44.30
CA TYR B 107 -19.27 -7.81 43.39
C TYR B 107 -19.98 -6.88 42.41
N GLY B 108 -19.74 -5.57 42.50
CA GLY B 108 -20.47 -4.65 41.65
C GLY B 108 -19.97 -3.22 41.78
N MET B 109 -19.53 -2.65 40.66
CA MET B 109 -19.09 -1.26 40.58
C MET B 109 -20.32 -0.38 40.36
N ASP B 110 -20.84 0.25 41.44
CA ASP B 110 -22.21 0.78 41.44
C ASP B 110 -22.24 2.29 41.19
N TYR B 111 -21.15 3.01 41.48
CA TYR B 111 -21.06 4.43 41.16
C TYR B 111 -19.75 4.70 40.42
N TRP B 112 -19.85 5.45 39.31
CA TRP B 112 -18.70 5.75 38.50
C TRP B 112 -18.51 7.27 38.42
N GLY B 113 -17.26 7.73 38.43
CA GLY B 113 -16.95 9.08 38.00
C GLY B 113 -17.30 9.26 36.52
N GLN B 114 -17.29 10.51 36.05
CA GLN B 114 -17.68 10.82 34.69
C GLN B 114 -16.55 10.45 33.72
N GLY B 115 -15.40 10.02 34.27
CA GLY B 115 -14.23 9.67 33.47
C GLY B 115 -13.30 10.87 33.28
N THR B 116 -12.02 10.57 33.01
CA THR B 116 -11.00 11.57 32.71
C THR B 116 -10.29 11.18 31.41
N SER B 117 -10.45 12.03 30.38
CA SER B 117 -9.75 11.85 29.13
C SER B 117 -8.28 12.24 29.32
N VAL B 118 -7.38 11.30 29.06
CA VAL B 118 -5.96 11.55 28.93
C VAL B 118 -5.59 11.32 27.47
N THR B 119 -4.94 12.33 26.87
CA THR B 119 -4.47 12.21 25.50
C THR B 119 -2.95 12.39 25.49
N VAL B 120 -2.27 11.41 24.90
CA VAL B 120 -0.82 11.41 24.82
C VAL B 120 -0.40 11.48 23.35
N SER B 121 0.17 12.64 22.97
CA SER B 121 0.81 12.81 21.68
C SER B 121 2.00 13.76 21.85
N SER B 122 2.87 13.75 20.84
CA SER B 122 3.97 14.69 20.78
C SER B 122 3.63 15.83 19.84
N ALA B 123 2.37 15.88 19.41
CA ALA B 123 1.89 16.96 18.56
C ALA B 123 1.69 18.22 19.40
N SER B 124 1.67 19.38 18.73
CA SER B 124 1.35 20.65 19.36
C SER B 124 0.07 21.21 18.78
N THR B 125 -0.50 22.21 19.46
CA THR B 125 -1.72 22.86 19.01
C THR B 125 -1.54 23.32 17.57
N THR B 126 -2.46 22.88 16.70
CA THR B 126 -2.38 23.18 15.28
C THR B 126 -3.78 23.46 14.77
N PRO B 127 -4.00 24.61 14.11
CA PRO B 127 -5.32 24.90 13.56
C PRO B 127 -5.52 24.02 12.34
N PRO B 128 -6.79 23.66 12.02
CA PRO B 128 -7.10 22.90 10.81
C PRO B 128 -6.97 23.70 9.52
N SER B 129 -6.57 23.00 8.45
CA SER B 129 -6.83 23.47 7.11
C SER B 129 -8.22 23.01 6.69
N VAL B 130 -8.99 23.94 6.12
CA VAL B 130 -10.37 23.65 5.76
C VAL B 130 -10.53 23.78 4.25
N TYR B 131 -10.82 22.64 3.62
CA TYR B 131 -10.91 22.55 2.16
C TYR B 131 -12.34 22.21 1.74
N PRO B 132 -12.88 22.84 0.67
CA PRO B 132 -14.22 22.52 0.19
C PRO B 132 -14.20 21.27 -0.67
N LEU B 133 -15.33 20.55 -0.62
CA LEU B 133 -15.58 19.43 -1.51
C LEU B 133 -16.83 19.72 -2.33
N ALA B 134 -16.57 20.07 -3.60
CA ALA B 134 -17.60 20.53 -4.52
C ALA B 134 -17.85 19.42 -5.55
N PRO B 135 -19.11 19.17 -5.95
CA PRO B 135 -19.42 18.10 -6.93
C PRO B 135 -18.68 18.18 -8.28
N SER B 143 -31.47 16.01 -8.70
CA SER B 143 -32.39 16.88 -7.92
C SER B 143 -31.74 17.26 -6.59
N MET B 144 -31.40 16.25 -5.78
CA MET B 144 -30.71 16.45 -4.51
C MET B 144 -29.19 16.26 -4.71
N VAL B 145 -28.40 17.18 -4.14
CA VAL B 145 -26.96 17.23 -4.39
C VAL B 145 -26.21 17.25 -3.06
N THR B 146 -25.00 16.67 -3.04
CA THR B 146 -24.22 16.55 -1.82
C THR B 146 -22.94 17.34 -1.95
N LEU B 147 -22.63 18.12 -0.89
CA LEU B 147 -21.38 18.83 -0.81
C LEU B 147 -20.68 18.44 0.48
N GLY B 148 -19.43 18.89 0.62
CA GLY B 148 -18.67 18.52 1.79
C GLY B 148 -17.57 19.51 2.11
N CYS B 149 -16.78 19.13 3.10
CA CYS B 149 -15.89 20.03 3.82
C CYS B 149 -14.86 19.13 4.49
N LEU B 150 -13.58 19.25 4.10
CA LEU B 150 -12.53 18.43 4.66
C LEU B 150 -11.70 19.27 5.63
N VAL B 151 -11.55 18.75 6.86
CA VAL B 151 -10.97 19.48 7.98
C VAL B 151 -9.73 18.73 8.43
N LYS B 152 -8.54 19.27 8.10
CA LYS B 152 -7.34 18.44 8.01
C LYS B 152 -6.19 18.98 8.87
N GLY B 153 -5.50 18.06 9.54
CA GLY B 153 -4.22 18.36 10.18
C GLY B 153 -4.32 19.30 11.38
N TYR B 154 -5.22 19.00 12.32
CA TYR B 154 -5.49 19.86 13.45
C TYR B 154 -5.21 19.09 14.74
N PHE B 155 -4.88 19.85 15.79
CA PHE B 155 -4.62 19.23 17.07
C PHE B 155 -4.85 20.24 18.19
N PRO B 156 -5.44 19.85 19.34
CA PRO B 156 -6.05 18.53 19.55
C PRO B 156 -7.54 18.56 19.23
N GLU B 157 -8.23 17.48 19.59
CA GLU B 157 -9.68 17.44 19.49
C GLU B 157 -10.31 18.36 20.54
N PRO B 158 -11.52 18.89 20.32
CA PRO B 158 -12.28 18.65 19.08
C PRO B 158 -12.32 19.87 18.15
N VAL B 159 -12.93 19.68 16.99
CA VAL B 159 -13.46 20.77 16.19
C VAL B 159 -14.99 20.67 16.21
N THR B 160 -15.66 21.79 15.94
CA THR B 160 -17.09 21.81 15.65
C THR B 160 -17.29 22.24 14.20
N VAL B 161 -18.14 21.49 13.47
CA VAL B 161 -18.54 21.85 12.12
C VAL B 161 -20.03 22.17 12.10
N THR B 162 -20.41 23.29 11.49
CA THR B 162 -21.80 23.57 11.22
C THR B 162 -21.92 24.05 9.77
N TRP B 163 -23.15 24.00 9.26
CA TRP B 163 -23.45 24.34 7.89
C TRP B 163 -24.42 25.52 7.85
N ASN B 164 -24.00 26.60 7.18
CA ASN B 164 -24.71 27.87 7.16
C ASN B 164 -25.08 28.36 8.55
N SER B 165 -24.12 28.27 9.50
CA SER B 165 -24.21 28.86 10.84
C SER B 165 -25.32 28.20 11.67
N GLY B 166 -25.62 26.94 11.38
CA GLY B 166 -26.74 26.25 12.00
C GLY B 166 -27.99 26.18 11.12
N SER B 167 -28.13 27.12 10.16
CA SER B 167 -29.30 27.17 9.29
C SER B 167 -29.62 25.80 8.68
N LEU B 168 -28.61 25.14 8.12
CA LEU B 168 -28.76 23.82 7.52
C LEU B 168 -28.47 22.79 8.60
N SER B 169 -29.52 22.15 9.14
CA SER B 169 -29.36 21.06 10.09
C SER B 169 -29.76 19.72 9.47
N SER B 170 -30.60 19.78 8.42
CA SER B 170 -31.01 18.59 7.73
C SER B 170 -29.90 18.11 6.80
N GLY B 171 -29.72 16.79 6.75
CA GLY B 171 -28.87 16.15 5.75
C GLY B 171 -27.40 16.30 6.04
N VAL B 172 -27.02 16.39 7.33
CA VAL B 172 -25.63 16.58 7.73
C VAL B 172 -25.07 15.29 8.31
N HIS B 173 -23.92 14.85 7.81
CA HIS B 173 -23.10 13.84 8.46
C HIS B 173 -21.73 14.43 8.71
N THR B 174 -21.37 14.56 9.98
CA THR B 174 -20.02 14.89 10.39
C THR B 174 -19.40 13.58 10.86
N PHE B 175 -18.28 13.18 10.24
CA PHE B 175 -17.70 11.88 10.50
C PHE B 175 -16.70 11.98 11.65
N PRO B 176 -16.54 10.89 12.41
CA PRO B 176 -15.46 10.82 13.39
C PRO B 176 -14.11 11.19 12.81
N ALA B 177 -13.32 11.86 13.64
CA ALA B 177 -11.95 12.25 13.30
C ALA B 177 -11.09 10.99 13.14
N VAL B 178 -9.96 11.17 12.49
CA VAL B 178 -9.04 10.06 12.24
C VAL B 178 -7.62 10.60 12.33
N LEU B 179 -6.70 9.74 12.79
CA LEU B 179 -5.33 10.16 13.07
C LEU B 179 -4.46 9.90 11.85
N GLN B 180 -3.79 10.96 11.37
CA GLN B 180 -2.98 10.91 10.17
C GLN B 180 -1.74 11.80 10.38
N SER B 181 -0.61 11.15 10.69
CA SER B 181 0.63 11.84 11.03
C SER B 181 0.51 12.56 12.37
N ASP B 182 -0.12 11.93 13.38
CA ASP B 182 -0.21 12.48 14.73
C ASP B 182 -1.18 13.66 14.80
N LEU B 183 -1.74 14.07 13.66
CA LEU B 183 -2.73 15.14 13.59
C LEU B 183 -4.06 14.53 13.17
N TYR B 184 -5.16 15.24 13.44
CA TYR B 184 -6.51 14.72 13.23
C TYR B 184 -7.11 15.29 11.94
N THR B 185 -7.91 14.45 11.28
CA THR B 185 -8.64 14.84 10.07
C THR B 185 -10.09 14.36 10.20
N LEU B 186 -11.05 15.22 9.86
CA LEU B 186 -12.39 14.72 9.63
C LEU B 186 -13.03 15.37 8.40
N SER B 187 -14.16 14.78 8.03
CA SER B 187 -14.97 15.23 6.91
C SER B 187 -16.41 15.44 7.38
N SER B 188 -17.10 16.38 6.74
CA SER B 188 -18.51 16.58 6.93
C SER B 188 -19.18 16.65 5.56
N SER B 189 -20.36 16.07 5.42
CA SER B 189 -21.12 16.18 4.19
C SER B 189 -22.48 16.79 4.49
N VAL B 190 -23.05 17.44 3.47
CA VAL B 190 -24.37 18.00 3.62
C VAL B 190 -25.10 17.78 2.30
N THR B 191 -26.36 17.35 2.38
CA THR B 191 -27.19 17.16 1.20
C THR B 191 -28.29 18.22 1.16
N VAL B 192 -28.56 18.75 -0.04
CA VAL B 192 -29.53 19.81 -0.26
C VAL B 192 -30.21 19.61 -1.62
N PRO B 193 -31.36 20.28 -1.92
CA PRO B 193 -31.91 20.29 -3.28
C PRO B 193 -31.15 21.22 -4.25
N SER B 194 -31.56 21.23 -5.54
CA SER B 194 -30.95 22.07 -6.56
C SER B 194 -31.61 23.45 -6.65
N SER B 195 -30.81 24.51 -6.84
CA SER B 195 -31.33 25.87 -6.91
C SER B 195 -32.20 26.05 -8.15
N THR B 201 -26.19 29.59 -1.65
CA THR B 201 -24.87 28.93 -1.46
C THR B 201 -24.76 28.31 -0.08
N VAL B 202 -23.93 27.26 0.01
CA VAL B 202 -23.68 26.60 1.28
C VAL B 202 -22.28 26.97 1.76
N THR B 203 -22.15 27.11 3.09
CA THR B 203 -20.90 27.46 3.73
C THR B 203 -20.67 26.54 4.93
N CYS B 204 -19.47 25.95 5.04
CA CYS B 204 -19.17 25.18 6.23
C CYS B 204 -18.37 26.04 7.19
N ASN B 205 -18.68 25.88 8.48
CA ASN B 205 -18.19 26.71 9.56
C ASN B 205 -17.45 25.83 10.56
N VAL B 206 -16.11 25.98 10.58
CA VAL B 206 -15.27 25.15 11.40
C VAL B 206 -14.76 25.99 12.55
N ALA B 207 -14.85 25.45 13.76
CA ALA B 207 -14.30 26.08 14.95
C ALA B 207 -13.32 25.10 15.60
N HIS B 208 -12.10 25.57 15.86
CA HIS B 208 -11.15 24.81 16.64
C HIS B 208 -10.83 25.67 17.86
N PRO B 209 -11.55 25.48 18.99
CA PRO B 209 -11.36 26.34 20.17
C PRO B 209 -9.92 26.34 20.69
N ALA B 210 -9.25 25.19 20.65
CA ALA B 210 -7.89 25.07 21.15
C ALA B 210 -6.95 26.08 20.49
N SER B 211 -7.19 26.42 19.21
CA SER B 211 -6.31 27.32 18.47
C SER B 211 -7.00 28.65 18.20
N SER B 212 -8.06 28.96 18.97
CA SER B 212 -8.85 30.17 18.74
C SER B 212 -9.11 30.37 17.24
N THR B 213 -9.62 29.34 16.56
CA THR B 213 -9.81 29.37 15.12
C THR B 213 -11.31 29.26 14.81
N LYS B 214 -11.82 30.21 14.00
CA LYS B 214 -13.09 30.08 13.30
C LYS B 214 -12.85 30.40 11.83
N VAL B 215 -13.40 29.55 10.96
CA VAL B 215 -13.12 29.59 9.54
C VAL B 215 -14.37 29.18 8.79
N ASP B 216 -14.75 29.99 7.80
CA ASP B 216 -15.97 29.80 7.03
C ASP B 216 -15.55 29.57 5.57
N LYS B 217 -15.69 28.34 5.03
CA LYS B 217 -15.40 28.10 3.63
C LYS B 217 -16.70 28.00 2.85
N LYS B 218 -16.82 28.87 1.85
CA LYS B 218 -17.92 28.89 0.89
C LYS B 218 -17.70 27.72 -0.07
N ILE B 219 -18.74 26.93 -0.36
CA ILE B 219 -18.62 25.83 -1.31
C ILE B 219 -19.14 26.27 -2.67
N VAL B 220 -18.19 26.35 -3.62
CA VAL B 220 -18.36 27.02 -4.89
C VAL B 220 -18.62 25.96 -5.98
N PRO B 221 -19.89 25.71 -6.39
CA PRO B 221 -20.21 24.59 -7.29
C PRO B 221 -19.29 24.56 -8.52
N ARG B 222 -18.94 23.34 -8.94
CA ARG B 222 -17.90 23.05 -9.94
C ARG B 222 -16.51 23.16 -9.29
N ASP C 1 -5.61 -14.80 33.28
CA ASP C 1 -6.87 -14.05 33.43
C ASP C 1 -8.04 -14.90 32.96
N ILE C 2 -9.21 -14.72 33.58
CA ILE C 2 -10.41 -15.29 33.04
C ILE C 2 -10.82 -14.46 31.83
N VAL C 3 -11.21 -15.18 30.77
CA VAL C 3 -11.63 -14.57 29.52
C VAL C 3 -13.15 -14.68 29.45
N MET C 4 -13.77 -13.54 29.17
CA MET C 4 -15.20 -13.43 29.10
C MET C 4 -15.57 -13.15 27.64
N SER C 5 -16.34 -14.06 27.05
CA SER C 5 -16.70 -13.99 25.65
C SER C 5 -18.18 -13.66 25.52
N GLN C 6 -18.47 -12.55 24.83
CA GLN C 6 -19.85 -12.17 24.59
C GLN C 6 -20.17 -12.40 23.12
N SER C 7 -21.30 -13.04 22.84
CA SER C 7 -21.81 -13.14 21.49
C SER C 7 -23.28 -12.71 21.43
N PRO C 8 -23.74 -12.10 20.31
CA PRO C 8 -22.86 -11.60 19.25
C PRO C 8 -22.33 -10.23 19.66
N SER C 9 -21.43 -9.64 18.87
CA SER C 9 -20.86 -8.35 19.24
C SER C 9 -21.85 -7.23 18.95
N SER C 10 -22.81 -7.49 18.04
CA SER C 10 -23.73 -6.52 17.49
C SER C 10 -25.07 -7.21 17.29
N LEU C 11 -26.16 -6.54 17.59
CA LEU C 11 -27.46 -7.16 17.49
C LEU C 11 -28.53 -6.12 17.20
N ALA C 12 -29.29 -6.35 16.14
CA ALA C 12 -30.29 -5.40 15.69
C ALA C 12 -31.64 -5.82 16.26
N VAL C 13 -32.40 -4.85 16.79
CA VAL C 13 -33.60 -5.16 17.54
C VAL C 13 -34.71 -4.20 17.18
N SER C 14 -35.94 -4.61 17.48
CA SER C 14 -37.13 -3.78 17.31
C SER C 14 -37.65 -3.39 18.67
N VAL C 15 -38.14 -2.15 18.79
CA VAL C 15 -38.88 -1.76 19.97
C VAL C 15 -39.97 -2.82 20.22
N GLY C 16 -39.97 -3.40 21.43
CA GLY C 16 -40.98 -4.38 21.78
C GLY C 16 -40.47 -5.81 21.73
N GLU C 17 -39.33 -6.08 21.09
CA GLU C 17 -38.78 -7.43 21.01
C GLU C 17 -38.26 -7.88 22.38
N LYS C 18 -38.29 -9.19 22.61
CA LYS C 18 -37.50 -9.85 23.63
C LYS C 18 -36.09 -10.06 23.10
N VAL C 19 -35.06 -9.78 23.91
CA VAL C 19 -33.70 -9.81 23.41
C VAL C 19 -32.83 -10.54 24.41
N THR C 20 -32.08 -11.54 23.93
CA THR C 20 -31.14 -12.27 24.75
C THR C 20 -29.73 -12.06 24.22
N MET C 21 -28.81 -11.71 25.11
CA MET C 21 -27.42 -11.70 24.76
C MET C 21 -26.66 -12.65 25.67
N SER C 22 -25.53 -13.16 25.18
CA SER C 22 -24.84 -14.31 25.73
C SER C 22 -23.47 -13.90 26.27
N CYS C 23 -23.00 -14.62 27.30
CA CYS C 23 -21.73 -14.36 27.94
C CYS C 23 -21.13 -15.69 28.42
N LYS C 24 -19.97 -16.09 27.89
CA LYS C 24 -19.37 -17.35 28.27
C LYS C 24 -18.04 -17.07 28.94
N SER C 25 -17.67 -17.93 29.88
CA SER C 25 -16.54 -17.69 30.75
C SER C 25 -15.55 -18.84 30.62
N SER C 26 -14.24 -18.56 30.66
CA SER C 26 -13.21 -19.60 30.47
C SER C 26 -13.02 -20.47 31.72
N GLN C 27 -13.51 -20.02 32.89
CA GLN C 27 -13.57 -20.83 34.09
C GLN C 27 -14.97 -20.77 34.69
N SER C 28 -15.32 -21.74 35.53
CA SER C 28 -16.60 -21.65 36.24
C SER C 28 -16.57 -20.46 37.22
N LEU C 29 -17.63 -19.66 37.19
CA LEU C 29 -17.81 -18.54 38.12
C LEU C 29 -18.67 -18.97 39.31
N LEU C 30 -19.05 -20.26 39.37
CA LEU C 30 -19.90 -20.77 40.44
C LEU C 30 -19.03 -21.26 41.58
N TYR C 31 -19.30 -20.80 42.81
CA TYR C 31 -18.50 -21.22 43.95
C TYR C 31 -19.20 -22.34 44.71
N SER C 32 -18.69 -23.56 44.52
CA SER C 32 -19.00 -24.70 45.36
C SER C 32 -20.50 -24.96 45.38
N ASN C 33 -21.05 -25.17 46.58
CA ASN C 33 -22.46 -25.44 46.77
C ASN C 33 -23.20 -24.19 47.21
N THR C 34 -22.60 -23.01 47.02
CA THR C 34 -23.19 -21.77 47.48
C THR C 34 -24.31 -21.30 46.57
N GLN C 35 -24.39 -21.88 45.34
CA GLN C 35 -25.30 -21.39 44.31
C GLN C 35 -25.09 -19.91 43.99
N LYS C 36 -23.92 -19.33 44.30
CA LYS C 36 -23.59 -17.97 43.89
C LYS C 36 -22.62 -17.99 42.71
N ASN C 37 -22.97 -17.19 41.68
CA ASN C 37 -22.19 -17.04 40.47
C ASN C 37 -21.62 -15.63 40.43
N TYR C 38 -20.32 -15.52 40.21
CA TYR C 38 -19.62 -14.27 40.43
C TYR C 38 -19.56 -13.47 39.13
N LEU C 39 -20.72 -12.97 38.69
CA LEU C 39 -20.83 -12.31 37.41
C LEU C 39 -21.73 -11.09 37.50
N ALA C 40 -21.36 -10.02 36.79
CA ALA C 40 -22.16 -8.82 36.76
C ALA C 40 -22.39 -8.39 35.31
N TRP C 41 -23.45 -7.59 35.10
CA TRP C 41 -23.76 -6.97 33.82
C TRP C 41 -23.76 -5.45 33.98
N TYR C 42 -23.16 -4.74 33.00
CA TYR C 42 -23.14 -3.29 32.95
C TYR C 42 -23.74 -2.82 31.62
N GLN C 43 -24.32 -1.63 31.63
CA GLN C 43 -24.80 -0.95 30.45
C GLN C 43 -23.94 0.29 30.21
N GLN C 44 -23.57 0.55 28.95
CA GLN C 44 -22.99 1.84 28.60
C GLN C 44 -23.61 2.41 27.34
N LYS C 45 -24.23 3.59 27.50
CA LYS C 45 -24.68 4.41 26.40
C LYS C 45 -23.55 5.33 25.97
N PRO C 46 -23.53 5.85 24.72
CA PRO C 46 -22.34 6.57 24.25
C PRO C 46 -22.16 7.90 24.98
N GLY C 47 -20.89 8.18 25.32
CA GLY C 47 -20.49 9.41 25.98
C GLY C 47 -20.85 9.41 27.46
N GLN C 48 -21.26 8.26 28.01
CA GLN C 48 -21.60 8.13 29.42
C GLN C 48 -20.74 7.04 30.07
N SER C 49 -20.68 7.08 31.40
CA SER C 49 -20.03 6.02 32.15
C SER C 49 -20.91 4.78 32.20
N PRO C 50 -20.31 3.60 32.43
CA PRO C 50 -21.08 2.37 32.60
C PRO C 50 -22.00 2.44 33.82
N LYS C 51 -23.14 1.71 33.74
CA LYS C 51 -24.16 1.61 34.78
C LYS C 51 -24.30 0.13 35.11
N LEU C 52 -24.20 -0.21 36.40
CA LEU C 52 -24.39 -1.56 36.87
C LEU C 52 -25.87 -1.92 36.84
N LEU C 53 -26.18 -3.09 36.26
CA LEU C 53 -27.55 -3.57 36.14
C LEU C 53 -27.82 -4.77 37.05
N ILE C 54 -26.92 -5.76 36.98
CA ILE C 54 -27.08 -7.08 37.57
C ILE C 54 -25.76 -7.49 38.23
N TYR C 55 -25.86 -8.11 39.40
CA TYR C 55 -24.71 -8.75 40.02
C TYR C 55 -25.15 -10.12 40.55
N TRP C 56 -24.17 -10.95 40.97
CA TRP C 56 -24.45 -12.34 41.31
C TRP C 56 -25.29 -13.00 40.21
N ALA C 57 -24.95 -12.71 38.92
CA ALA C 57 -25.53 -13.28 37.72
C ALA C 57 -26.98 -12.83 37.51
N SER C 58 -27.76 -12.70 38.57
CA SER C 58 -29.20 -12.59 38.39
C SER C 58 -29.87 -11.57 39.31
N THR C 59 -29.14 -10.90 40.21
CA THR C 59 -29.73 -9.92 41.11
C THR C 59 -29.62 -8.54 40.48
N ARG C 60 -30.75 -7.81 40.42
CA ARG C 60 -30.81 -6.49 39.83
C ARG C 60 -30.42 -5.43 40.83
N GLU C 61 -29.53 -4.54 40.42
CA GLU C 61 -29.22 -3.31 41.12
C GLU C 61 -30.53 -2.55 41.34
N SER C 62 -30.62 -1.87 42.46
CA SER C 62 -31.85 -1.15 42.74
C SER C 62 -32.10 -0.10 41.65
N GLY C 63 -33.38 0.04 41.28
CA GLY C 63 -33.79 1.02 40.30
C GLY C 63 -33.57 0.57 38.86
N VAL C 64 -33.27 -0.71 38.68
CA VAL C 64 -33.16 -1.29 37.35
C VAL C 64 -34.45 -2.05 37.12
N PRO C 65 -35.23 -1.77 36.06
CA PRO C 65 -36.51 -2.42 35.86
C PRO C 65 -36.37 -3.94 35.70
N ASP C 66 -37.43 -4.69 36.04
CA ASP C 66 -37.36 -6.14 35.96
C ASP C 66 -37.49 -6.63 34.52
N ARG C 67 -37.58 -5.69 33.56
CA ARG C 67 -37.46 -5.90 32.12
C ARG C 67 -36.08 -6.49 31.82
N PHE C 68 -35.13 -6.38 32.76
CA PHE C 68 -33.79 -6.94 32.63
C PHE C 68 -33.68 -8.18 33.51
N THR C 69 -33.21 -9.30 32.93
CA THR C 69 -33.16 -10.58 33.61
C THR C 69 -31.83 -11.25 33.34
N GLY C 70 -31.07 -11.50 34.40
CA GLY C 70 -29.81 -12.21 34.28
C GLY C 70 -30.02 -13.68 34.62
N SER C 71 -29.25 -14.58 34.01
CA SER C 71 -29.34 -15.98 34.37
C SER C 71 -28.17 -16.78 33.84
N GLY C 72 -28.18 -18.09 34.14
CA GLY C 72 -27.09 -18.98 33.82
C GLY C 72 -26.26 -19.29 35.07
N SER C 73 -25.24 -20.13 34.88
CA SER C 73 -24.51 -20.71 35.99
C SER C 73 -23.25 -21.37 35.44
N GLY C 74 -22.18 -21.34 36.24
CA GLY C 74 -20.93 -21.95 35.84
C GLY C 74 -20.18 -21.11 34.82
N THR C 75 -20.40 -21.36 33.54
CA THR C 75 -19.64 -20.72 32.49
C THR C 75 -20.54 -20.00 31.49
N ASP C 76 -21.83 -20.33 31.44
CA ASP C 76 -22.73 -19.85 30.38
C ASP C 76 -23.82 -18.98 31.00
N PHE C 77 -23.81 -17.68 30.69
CA PHE C 77 -24.77 -16.71 31.24
C PHE C 77 -25.45 -15.95 30.11
N THR C 78 -26.64 -15.41 30.41
CA THR C 78 -27.36 -14.58 29.47
C THR C 78 -27.96 -13.37 30.18
N LEU C 79 -28.11 -12.28 29.43
CA LEU C 79 -28.89 -11.12 29.83
C LEU C 79 -30.07 -10.99 28.86
N THR C 80 -31.27 -10.84 29.41
CA THR C 80 -32.47 -10.73 28.61
C THR C 80 -33.20 -9.42 28.91
N ILE C 81 -33.59 -8.71 27.86
CA ILE C 81 -34.46 -7.56 27.99
C ILE C 81 -35.80 -7.97 27.41
N SER C 82 -36.82 -8.10 28.28
CA SER C 82 -38.07 -8.75 27.92
C SER C 82 -38.88 -7.95 26.91
N SER C 83 -38.69 -6.63 26.87
CA SER C 83 -39.46 -5.79 25.98
C SER C 83 -38.66 -4.51 25.71
N VAL C 84 -37.89 -4.54 24.64
CA VAL C 84 -36.88 -3.52 24.42
C VAL C 84 -37.57 -2.18 24.20
N LYS C 85 -37.00 -1.17 24.85
CA LYS C 85 -37.34 0.22 24.60
C LYS C 85 -36.16 0.91 23.93
N ALA C 86 -36.42 2.05 23.29
CA ALA C 86 -35.37 2.83 22.64
C ALA C 86 -34.28 3.19 23.65
N GLU C 87 -34.66 3.52 24.89
CA GLU C 87 -33.69 3.94 25.88
C GLU C 87 -32.82 2.76 26.30
N ASN C 88 -33.01 1.57 25.70
CA ASN C 88 -32.23 0.40 26.06
C ASN C 88 -31.13 0.14 25.04
N LEU C 89 -31.03 0.99 24.01
CA LEU C 89 -30.01 0.83 22.99
C LEU C 89 -28.68 1.27 23.57
N ALA C 90 -27.74 0.33 23.65
CA ALA C 90 -26.50 0.57 24.34
C ALA C 90 -25.58 -0.63 24.10
N VAL C 91 -24.37 -0.54 24.65
CA VAL C 91 -23.50 -1.69 24.78
C VAL C 91 -23.71 -2.30 26.16
N TYR C 92 -23.77 -3.65 26.20
CA TYR C 92 -23.86 -4.37 27.44
C TYR C 92 -22.58 -5.20 27.61
N TYR C 93 -21.94 -5.03 28.78
CA TYR C 93 -20.74 -5.76 29.15
C TYR C 93 -21.06 -6.74 30.28
N CYS C 94 -20.46 -7.93 30.23
CA CYS C 94 -20.46 -8.84 31.36
C CYS C 94 -19.10 -8.75 32.01
N GLN C 95 -18.98 -9.23 33.24
CA GLN C 95 -17.79 -9.01 34.04
C GLN C 95 -17.76 -10.01 35.18
N GLN C 96 -16.64 -10.73 35.32
CA GLN C 96 -16.47 -11.69 36.39
C GLN C 96 -15.66 -11.04 37.51
N TYR C 97 -16.00 -11.39 38.77
CA TYR C 97 -15.23 -11.00 39.93
C TYR C 97 -14.91 -12.26 40.76
N TYR C 98 -14.74 -13.39 40.08
CA TYR C 98 -14.35 -14.62 40.74
C TYR C 98 -12.87 -14.56 41.06
N ARG C 99 -12.11 -13.92 40.17
CA ARG C 99 -10.65 -13.94 40.28
C ARG C 99 -10.14 -12.55 39.90
N TYR C 100 -9.01 -12.18 40.48
CA TYR C 100 -8.27 -10.99 40.07
C TYR C 100 -7.37 -11.38 38.90
N PRO C 101 -7.20 -10.53 37.87
CA PRO C 101 -7.93 -9.26 37.76
C PRO C 101 -9.38 -9.51 37.38
N PRO C 102 -10.35 -8.69 37.86
CA PRO C 102 -11.69 -8.73 37.31
C PRO C 102 -11.58 -8.38 35.82
N THR C 103 -12.39 -9.05 35.01
CA THR C 103 -12.31 -8.92 33.56
C THR C 103 -13.71 -8.74 32.99
N PHE C 104 -13.79 -7.93 31.94
CA PHE C 104 -15.04 -7.71 31.23
C PHE C 104 -15.07 -8.53 29.95
N GLY C 105 -16.28 -8.83 29.47
CA GLY C 105 -16.44 -9.26 28.09
C GLY C 105 -16.21 -8.10 27.13
N GLY C 106 -16.24 -8.42 25.83
CA GLY C 106 -16.00 -7.43 24.79
C GLY C 106 -17.22 -6.57 24.48
N GLY C 107 -18.38 -6.89 25.04
CA GLY C 107 -19.57 -6.09 24.84
C GLY C 107 -20.47 -6.64 23.73
N THR C 108 -21.77 -6.36 23.86
CA THR C 108 -22.75 -6.57 22.82
C THR C 108 -23.50 -5.26 22.62
N LYS C 109 -23.42 -4.71 21.40
CA LYS C 109 -24.02 -3.44 21.07
C LYS C 109 -25.42 -3.72 20.54
N LEU C 110 -26.41 -3.02 21.08
CA LEU C 110 -27.78 -3.13 20.64
C LEU C 110 -28.10 -1.96 19.70
N GLU C 111 -28.56 -2.29 18.49
CA GLU C 111 -28.91 -1.29 17.49
C GLU C 111 -30.34 -1.54 17.04
N LEU C 112 -30.89 -0.60 16.27
CA LEU C 112 -32.26 -0.68 15.84
C LEU C 112 -32.30 -1.29 14.43
N LYS C 113 -33.18 -2.28 14.26
CA LYS C 113 -33.49 -2.89 12.97
C LYS C 113 -34.31 -1.91 12.14
N ARG C 114 -34.05 -1.87 10.83
CA ARG C 114 -34.90 -1.15 9.89
C ARG C 114 -34.76 -1.76 8.50
N ALA C 115 -35.52 -1.27 7.54
CA ALA C 115 -35.46 -1.81 6.18
C ALA C 115 -34.10 -1.51 5.56
N ASP C 116 -33.71 -2.33 4.58
CA ASP C 116 -32.45 -2.13 3.87
C ASP C 116 -32.51 -0.81 3.10
N ALA C 117 -31.36 -0.14 2.99
CA ALA C 117 -31.25 1.13 2.28
C ALA C 117 -29.87 1.20 1.63
N ALA C 118 -29.88 1.49 0.33
CA ALA C 118 -28.66 1.57 -0.46
C ALA C 118 -27.91 2.87 -0.13
N PRO C 119 -26.57 2.84 -0.10
CA PRO C 119 -25.80 4.07 0.10
C PRO C 119 -25.97 5.03 -1.06
N THR C 120 -26.10 6.31 -0.75
CA THR C 120 -25.86 7.40 -1.69
C THR C 120 -24.35 7.68 -1.70
N VAL C 121 -23.75 7.64 -2.89
CA VAL C 121 -22.30 7.74 -3.02
C VAL C 121 -21.91 8.96 -3.85
N SER C 122 -20.99 9.76 -3.28
CA SER C 122 -20.50 10.99 -3.86
C SER C 122 -18.97 11.03 -3.81
N ILE C 123 -18.33 11.39 -4.91
CA ILE C 123 -16.88 11.47 -4.94
C ILE C 123 -16.48 12.94 -5.16
N PHE C 124 -15.33 13.33 -4.62
CA PHE C 124 -14.90 14.73 -4.65
C PHE C 124 -13.42 14.83 -4.98
N PRO C 125 -13.05 15.60 -6.03
CA PRO C 125 -11.64 15.89 -6.29
C PRO C 125 -11.01 16.65 -5.12
N PRO C 126 -9.67 16.62 -4.99
CA PRO C 126 -9.00 17.56 -4.10
C PRO C 126 -9.33 18.98 -4.53
N SER C 127 -9.52 19.88 -3.55
CA SER C 127 -9.58 21.32 -3.81
C SER C 127 -8.21 21.80 -4.30
N SER C 128 -8.19 22.90 -5.07
CA SER C 128 -6.93 23.49 -5.47
C SER C 128 -6.19 24.10 -4.27
N GLU C 129 -6.95 24.50 -3.24
CA GLU C 129 -6.34 24.95 -1.99
C GLU C 129 -5.41 23.86 -1.49
N GLN C 130 -5.90 22.63 -1.49
CA GLN C 130 -5.18 21.54 -0.86
C GLN C 130 -3.98 21.13 -1.71
N LEU C 131 -4.14 21.10 -3.04
CA LEU C 131 -3.06 20.74 -3.95
C LEU C 131 -1.83 21.59 -3.68
N THR C 132 -2.09 22.82 -3.25
CA THR C 132 -1.09 23.78 -2.80
C THR C 132 -0.26 23.30 -1.62
N SER C 133 -0.79 22.43 -0.76
CA SER C 133 -0.02 21.87 0.36
C SER C 133 0.90 20.75 -0.11
N GLY C 134 0.75 20.31 -1.38
CA GLY C 134 1.54 19.19 -1.89
C GLY C 134 1.08 17.84 -1.35
N GLY C 135 -0.13 17.80 -0.78
CA GLY C 135 -0.93 16.60 -0.63
C GLY C 135 -2.26 16.75 -1.40
N ALA C 136 -3.00 15.66 -1.49
CA ALA C 136 -4.16 15.57 -2.34
C ALA C 136 -5.09 14.49 -1.80
N SER C 137 -6.27 14.88 -1.32
CA SER C 137 -7.21 13.93 -0.77
C SER C 137 -8.43 13.87 -1.66
N VAL C 138 -8.70 12.63 -2.10
CA VAL C 138 -9.93 12.31 -2.79
C VAL C 138 -10.88 11.73 -1.76
N VAL C 139 -12.06 12.34 -1.62
CA VAL C 139 -13.04 11.92 -0.64
C VAL C 139 -14.23 11.27 -1.36
N CYS C 140 -14.82 10.30 -0.67
CA CYS C 140 -15.98 9.57 -1.13
C CYS C 140 -16.92 9.39 0.04
N PHE C 141 -18.12 9.95 -0.01
CA PHE C 141 -19.11 9.75 1.04
C PHE C 141 -20.07 8.62 0.64
N LEU C 142 -20.37 7.73 1.60
CA LEU C 142 -21.36 6.69 1.41
C LEU C 142 -22.40 6.84 2.51
N ASN C 143 -23.57 7.37 2.17
CA ASN C 143 -24.49 7.93 3.14
C ASN C 143 -25.80 7.16 3.17
N ASN C 144 -26.25 6.91 4.41
CA ASN C 144 -27.62 6.51 4.72
C ASN C 144 -27.92 5.13 4.16
N PHE C 145 -27.03 4.17 4.46
CA PHE C 145 -27.21 2.79 4.06
C PHE C 145 -27.63 1.97 5.28
N TYR C 146 -28.33 0.85 5.02
CA TYR C 146 -28.56 -0.16 6.04
C TYR C 146 -28.57 -1.50 5.33
N PRO C 147 -27.94 -2.57 5.87
CA PRO C 147 -27.29 -2.54 7.18
C PRO C 147 -25.87 -2.04 7.07
N LYS C 148 -25.13 -2.14 8.20
CA LYS C 148 -23.92 -1.36 8.40
C LYS C 148 -22.70 -2.00 7.74
N ASP C 149 -22.82 -3.27 7.31
CA ASP C 149 -21.75 -3.97 6.62
C ASP C 149 -21.54 -3.35 5.25
N ILE C 150 -20.33 -2.87 4.93
CA ILE C 150 -20.04 -2.28 3.64
C ILE C 150 -18.54 -2.34 3.32
N ASN C 151 -18.19 -2.39 2.04
CA ASN C 151 -16.80 -2.29 1.60
C ASN C 151 -16.64 -1.16 0.61
N VAL C 152 -15.52 -0.45 0.73
CA VAL C 152 -15.12 0.54 -0.25
C VAL C 152 -13.79 0.11 -0.84
N LYS C 153 -13.68 0.28 -2.16
CA LYS C 153 -12.52 -0.12 -2.93
C LYS C 153 -12.18 1.07 -3.81
N TRP C 154 -10.89 1.41 -3.89
CA TRP C 154 -10.46 2.54 -4.69
C TRP C 154 -9.77 2.03 -5.95
N LYS C 155 -9.96 2.77 -7.06
CA LYS C 155 -9.30 2.47 -8.32
C LYS C 155 -8.70 3.78 -8.86
N ILE C 156 -7.44 3.71 -9.31
CA ILE C 156 -6.77 4.78 -10.04
C ILE C 156 -6.42 4.27 -11.44
N ASP C 157 -7.00 4.92 -12.48
CA ASP C 157 -6.89 4.46 -13.86
C ASP C 157 -7.10 2.95 -13.95
N GLY C 158 -8.09 2.42 -13.23
CA GLY C 158 -8.51 1.03 -13.35
C GLY C 158 -7.84 0.08 -12.35
N SER C 159 -6.77 0.52 -11.68
CA SER C 159 -5.97 -0.34 -10.83
C SER C 159 -6.31 -0.06 -9.38
N GLU C 160 -6.72 -1.11 -8.68
CA GLU C 160 -7.04 -1.02 -7.27
C GLU C 160 -5.88 -0.32 -6.56
N ARG C 161 -6.21 0.37 -5.47
CA ARG C 161 -5.24 1.05 -4.63
C ARG C 161 -5.69 0.94 -3.18
N GLN C 162 -4.79 0.45 -2.32
CA GLN C 162 -5.11 0.17 -0.92
C GLN C 162 -4.35 1.12 0.01
N ASN C 163 -3.20 1.68 -0.41
CA ASN C 163 -2.40 2.58 0.41
C ASN C 163 -2.97 3.99 0.46
N GLY C 164 -2.84 4.61 1.64
CA GLY C 164 -3.22 5.99 1.86
C GLY C 164 -4.74 6.16 1.93
N VAL C 165 -5.43 5.08 2.30
CA VAL C 165 -6.88 5.10 2.35
C VAL C 165 -7.26 5.18 3.82
N LEU C 166 -8.17 6.07 4.18
CA LEU C 166 -8.59 6.27 5.56
C LEU C 166 -10.09 6.32 5.62
N ASN C 167 -10.68 5.51 6.51
CA ASN C 167 -12.13 5.43 6.56
C ASN C 167 -12.66 5.87 7.92
N SER C 168 -13.92 6.30 7.94
CA SER C 168 -14.52 6.84 9.14
C SER C 168 -16.02 6.53 9.11
N TRP C 169 -16.54 5.92 10.18
CA TRP C 169 -17.89 5.39 10.19
C TRP C 169 -18.71 6.04 11.29
N THR C 170 -19.92 6.48 10.96
CA THR C 170 -20.79 7.04 11.97
C THR C 170 -21.51 5.92 12.72
N ASP C 171 -21.91 6.21 13.96
CA ASP C 171 -22.80 5.35 14.71
C ASP C 171 -24.19 5.46 14.08
N GLN C 172 -25.07 4.53 14.43
CA GLN C 172 -26.39 4.51 13.85
C GLN C 172 -27.06 5.87 14.09
N ASP C 173 -27.66 6.39 13.03
CA ASP C 173 -28.27 7.71 13.02
C ASP C 173 -29.53 7.68 13.88
N SER C 174 -29.81 8.77 14.60
CA SER C 174 -30.95 8.83 15.49
C SER C 174 -32.23 9.25 14.76
N LYS C 175 -32.08 9.81 13.55
CA LYS C 175 -33.24 10.26 12.79
C LYS C 175 -33.81 9.11 11.97
N ASP C 176 -32.96 8.39 11.21
CA ASP C 176 -33.46 7.40 10.28
C ASP C 176 -32.84 6.00 10.50
N SER C 177 -32.03 5.83 11.55
CA SER C 177 -31.47 4.52 11.88
C SER C 177 -30.53 3.98 10.79
N THR C 178 -29.99 4.85 9.94
CA THR C 178 -29.05 4.39 8.94
C THR C 178 -27.64 4.58 9.47
N TYR C 179 -26.68 4.10 8.69
CA TYR C 179 -25.26 4.32 8.91
C TYR C 179 -24.69 5.10 7.72
N SER C 180 -23.55 5.74 7.96
CA SER C 180 -22.83 6.42 6.89
C SER C 180 -21.34 6.19 7.08
N MET C 181 -20.59 6.37 5.99
CA MET C 181 -19.16 6.15 6.01
C MET C 181 -18.48 7.19 5.14
N SER C 182 -17.26 7.58 5.53
CA SER C 182 -16.43 8.46 4.70
C SER C 182 -15.10 7.79 4.42
N SER C 183 -14.69 7.76 3.14
CA SER C 183 -13.43 7.16 2.73
C SER C 183 -12.58 8.20 2.04
N THR C 184 -11.31 8.28 2.42
CA THR C 184 -10.43 9.29 1.87
C THR C 184 -9.16 8.63 1.31
N LEU C 185 -8.93 8.82 0.01
CA LEU C 185 -7.70 8.42 -0.65
C LEU C 185 -6.73 9.59 -0.69
N THR C 186 -5.60 9.40 0.01
CA THR C 186 -4.65 10.47 0.27
C THR C 186 -3.38 10.17 -0.52
N LEU C 187 -2.97 11.12 -1.37
CA LEU C 187 -1.83 10.99 -2.26
C LEU C 187 -0.95 12.22 -2.10
N THR C 188 0.29 12.12 -2.58
CA THR C 188 1.06 13.30 -2.89
C THR C 188 0.38 14.03 -4.05
N LYS C 189 0.67 15.33 -4.18
CA LYS C 189 0.16 16.12 -5.29
C LYS C 189 0.82 15.64 -6.58
N ASP C 190 2.09 15.22 -6.54
CA ASP C 190 2.75 14.72 -7.75
C ASP C 190 2.01 13.50 -8.27
N GLU C 191 1.76 12.52 -7.39
CA GLU C 191 1.13 11.29 -7.82
C GLU C 191 -0.28 11.58 -8.33
N TYR C 192 -1.01 12.41 -7.61
CA TYR C 192 -2.36 12.78 -8.04
C TYR C 192 -2.34 13.28 -9.49
N GLU C 193 -1.35 14.11 -9.84
CA GLU C 193 -1.40 14.78 -11.13
C GLU C 193 -0.86 13.87 -12.24
N ARG C 194 -0.33 12.68 -11.87
CA ARG C 194 0.22 11.71 -12.81
C ARG C 194 -0.88 10.75 -13.33
N HIS C 195 -2.08 10.82 -12.75
CA HIS C 195 -3.14 9.88 -13.08
C HIS C 195 -4.43 10.65 -13.36
N ASN C 196 -5.32 10.03 -14.13
CA ASN C 196 -6.45 10.73 -14.74
C ASN C 196 -7.77 10.34 -14.08
N SER C 197 -8.00 9.03 -13.92
CA SER C 197 -9.28 8.51 -13.48
C SER C 197 -9.24 8.08 -12.02
N TYR C 198 -10.18 8.58 -11.21
CA TYR C 198 -10.28 8.17 -9.82
C TYR C 198 -11.67 7.59 -9.55
N THR C 199 -11.70 6.38 -8.98
CA THR C 199 -12.96 5.67 -8.84
C THR C 199 -13.11 5.16 -7.41
N CYS C 200 -14.36 5.17 -6.98
CA CYS C 200 -14.78 4.75 -5.67
C CYS C 200 -15.87 3.69 -5.85
N GLU C 201 -15.61 2.45 -5.44
CA GLU C 201 -16.53 1.33 -5.63
C GLU C 201 -17.07 0.88 -4.27
N ALA C 202 -18.39 0.90 -4.11
CA ALA C 202 -19.00 0.42 -2.87
C ALA C 202 -19.73 -0.90 -3.12
N THR C 203 -19.54 -1.82 -2.17
CA THR C 203 -20.19 -3.12 -2.17
C THR C 203 -21.08 -3.20 -0.93
N HIS C 204 -22.37 -3.48 -1.16
CA HIS C 204 -23.37 -3.49 -0.09
C HIS C 204 -24.47 -4.50 -0.42
N LYS C 205 -25.20 -4.98 0.59
CA LYS C 205 -26.06 -6.13 0.36
C LYS C 205 -27.22 -5.72 -0.57
N THR C 206 -27.54 -4.43 -0.65
CA THR C 206 -28.65 -3.95 -1.48
C THR C 206 -28.37 -4.02 -2.99
N SER C 207 -27.13 -4.32 -3.37
CA SER C 207 -26.72 -4.24 -4.78
C SER C 207 -25.97 -5.51 -5.17
N THR C 208 -26.29 -6.06 -6.33
CA THR C 208 -25.63 -7.30 -6.72
C THR C 208 -24.29 -6.96 -7.37
N SER C 209 -24.19 -5.74 -7.91
CA SER C 209 -22.97 -5.22 -8.51
C SER C 209 -22.51 -3.99 -7.73
N PRO C 210 -21.20 -3.70 -7.69
CA PRO C 210 -20.73 -2.54 -6.94
C PRO C 210 -21.36 -1.24 -7.45
N ILE C 211 -21.49 -0.27 -6.53
CA ILE C 211 -21.84 1.11 -6.86
C ILE C 211 -20.57 1.88 -7.18
N VAL C 212 -20.47 2.40 -8.40
CA VAL C 212 -19.24 2.97 -8.89
C VAL C 212 -19.43 4.47 -9.10
N LYS C 213 -18.56 5.27 -8.52
CA LYS C 213 -18.58 6.71 -8.74
C LYS C 213 -17.15 7.17 -9.08
N SER C 214 -17.01 7.89 -10.19
CA SER C 214 -15.71 8.28 -10.72
C SER C 214 -15.70 9.74 -11.17
N PHE C 215 -14.50 10.28 -11.37
CA PHE C 215 -14.33 11.49 -12.15
C PHE C 215 -12.98 11.40 -12.86
N ASN C 216 -12.86 12.15 -13.97
CA ASN C 216 -11.59 12.27 -14.67
C ASN C 216 -11.04 13.66 -14.40
N ARG C 217 -9.76 13.71 -14.01
CA ARG C 217 -9.10 14.92 -13.56
C ARG C 217 -9.13 16.01 -14.64
N ASN C 218 -9.07 15.61 -15.92
CA ASN C 218 -9.05 16.58 -17.00
C ASN C 218 -10.45 17.16 -17.28
N GLU C 219 -11.50 16.32 -17.22
CA GLU C 219 -12.89 16.79 -17.27
C GLU C 219 -13.13 17.71 -16.06
N ALA D 1 32.97 0.38 -52.16
CA ALA D 1 31.72 1.01 -52.65
C ALA D 1 30.55 0.48 -51.84
N PRO D 2 29.73 1.37 -51.24
CA PRO D 2 28.56 0.97 -50.46
C PRO D 2 27.54 0.09 -51.17
N ASP D 3 26.76 -0.68 -50.41
CA ASP D 3 25.64 -1.39 -50.99
C ASP D 3 24.53 -0.36 -51.25
N THR D 4 24.14 -0.19 -52.52
CA THR D 4 23.21 0.85 -52.91
C THR D 4 21.84 0.24 -53.11
N ARG D 5 20.81 1.09 -53.08
CA ARG D 5 19.46 0.69 -53.43
C ARG D 5 18.84 1.76 -54.32
N PRO D 6 17.86 1.41 -55.19
CA PRO D 6 17.10 2.43 -55.91
C PRO D 6 16.05 3.13 -55.02
N ALA D 7 15.66 4.34 -55.40
CA ALA D 7 14.67 5.10 -54.66
C ALA D 7 13.37 4.31 -54.60
N PRO D 8 12.74 4.25 -53.42
CA PRO D 8 11.50 3.49 -53.23
C PRO D 8 10.37 4.09 -54.05
N GLY D 9 10.44 5.40 -54.29
CA GLY D 9 9.69 6.02 -55.38
C GLY D 9 8.19 5.80 -55.26
N GLN E 1 0.90 14.15 -37.97
CA GLN E 1 2.36 13.80 -38.06
C GLN E 1 2.48 12.32 -38.40
N VAL E 2 3.73 11.85 -38.49
CA VAL E 2 3.99 10.48 -38.89
C VAL E 2 3.75 9.54 -37.72
N GLN E 3 3.15 8.38 -38.03
CA GLN E 3 2.84 7.37 -37.03
C GLN E 3 2.97 5.96 -37.61
N LEU E 4 3.59 5.08 -36.83
CA LEU E 4 3.63 3.65 -37.14
C LEU E 4 2.95 2.89 -36.01
N GLN E 5 1.80 2.28 -36.30
CA GLN E 5 0.99 1.60 -35.30
C GLN E 5 1.16 0.10 -35.49
N GLN E 6 1.85 -0.55 -34.56
CA GLN E 6 2.05 -1.99 -34.64
C GLN E 6 0.93 -2.72 -33.91
N SER E 7 0.78 -4.01 -34.21
CA SER E 7 -0.30 -4.83 -33.68
C SER E 7 -0.03 -5.29 -32.25
N GLY E 8 -1.03 -5.96 -31.65
CA GLY E 8 -1.02 -6.31 -30.23
C GLY E 8 0.04 -7.35 -29.88
N ALA E 9 0.28 -7.52 -28.58
CA ALA E 9 1.25 -8.50 -28.09
C ALA E 9 0.79 -9.90 -28.42
N GLU E 10 1.76 -10.83 -28.41
CA GLU E 10 1.57 -12.17 -28.93
C GLU E 10 2.22 -13.17 -27.97
N LEU E 11 1.50 -14.26 -27.75
CA LEU E 11 1.86 -15.33 -26.86
C LEU E 11 1.50 -16.63 -27.58
N VAL E 12 2.52 -17.43 -27.94
CA VAL E 12 2.28 -18.62 -28.75
C VAL E 12 3.21 -19.76 -28.35
N LYS E 13 2.88 -20.96 -28.83
CA LYS E 13 3.62 -22.16 -28.48
C LYS E 13 4.71 -22.38 -29.52
N PRO E 14 5.83 -23.06 -29.19
CA PRO E 14 6.88 -23.37 -30.17
C PRO E 14 6.32 -24.02 -31.43
N GLY E 15 6.86 -23.62 -32.59
CA GLY E 15 6.44 -24.15 -33.87
C GLY E 15 5.28 -23.36 -34.49
N ALA E 16 4.70 -22.41 -33.74
CA ALA E 16 3.62 -21.60 -34.25
C ALA E 16 4.19 -20.45 -35.11
N SER E 17 3.24 -19.71 -35.71
CA SER E 17 3.51 -18.54 -36.54
C SER E 17 2.74 -17.34 -36.01
N VAL E 18 3.33 -16.15 -36.11
CA VAL E 18 2.59 -14.91 -35.91
C VAL E 18 2.72 -14.06 -37.17
N LYS E 19 1.71 -13.22 -37.42
CA LYS E 19 1.75 -12.25 -38.50
C LYS E 19 1.58 -10.88 -37.87
N LEU E 20 2.69 -10.18 -37.63
CA LEU E 20 2.68 -8.84 -37.09
C LEU E 20 2.32 -7.84 -38.18
N SER E 21 1.66 -6.74 -37.79
CA SER E 21 1.31 -5.67 -38.72
C SER E 21 1.84 -4.33 -38.21
N CYS E 22 1.87 -3.35 -39.11
CA CYS E 22 2.44 -2.04 -38.83
C CYS E 22 1.76 -1.01 -39.71
N LYS E 23 0.68 -0.38 -39.21
CA LYS E 23 -0.09 0.55 -40.01
C LYS E 23 0.62 1.89 -40.01
N ALA E 24 0.90 2.43 -41.21
CA ALA E 24 1.58 3.70 -41.37
C ALA E 24 0.56 4.77 -41.74
N SER E 25 0.75 5.96 -41.16
CA SER E 25 -0.03 7.14 -41.51
C SER E 25 0.86 8.37 -41.50
N GLY E 26 0.44 9.38 -42.26
CA GLY E 26 0.99 10.72 -42.18
C GLY E 26 2.12 11.00 -43.17
N TYR E 27 2.36 10.06 -44.09
CA TYR E 27 3.38 10.24 -45.12
C TYR E 27 3.03 9.33 -46.29
N THR E 28 3.66 9.55 -47.45
CA THR E 28 3.50 8.64 -48.57
C THR E 28 4.23 7.34 -48.26
N PHE E 29 3.44 6.29 -48.04
CA PHE E 29 3.93 4.96 -47.69
C PHE E 29 5.01 4.48 -48.65
N THR E 30 4.76 4.66 -49.95
CA THR E 30 5.53 4.03 -51.01
C THR E 30 6.87 4.73 -51.21
N ASN E 31 7.14 5.81 -50.46
CA ASN E 31 8.31 6.62 -50.73
C ASN E 31 9.42 6.37 -49.72
N TYR E 32 9.26 5.35 -48.87
CA TYR E 32 10.28 5.03 -47.89
C TYR E 32 10.41 3.52 -47.79
N TYR E 33 11.64 3.02 -47.73
CA TYR E 33 11.84 1.63 -47.37
C TYR E 33 11.35 1.43 -45.94
N MET E 34 10.80 0.25 -45.69
CA MET E 34 10.41 -0.14 -44.35
C MET E 34 11.38 -1.20 -43.82
N TYR E 35 11.95 -0.94 -42.64
CA TYR E 35 12.87 -1.85 -41.96
C TYR E 35 12.14 -2.56 -40.82
N TRP E 36 12.55 -3.80 -40.50
CA TRP E 36 12.12 -4.48 -39.29
C TRP E 36 13.34 -4.84 -38.43
N VAL E 37 13.19 -4.62 -37.12
CA VAL E 37 14.26 -4.74 -36.16
C VAL E 37 13.74 -5.48 -34.94
N LEU E 38 14.55 -6.38 -34.37
CA LEU E 38 14.16 -7.04 -33.14
C LEU E 38 15.12 -6.69 -32.00
N GLN E 39 14.61 -6.83 -30.77
CA GLN E 39 15.36 -6.60 -29.55
C GLN E 39 15.01 -7.69 -28.55
N ARG E 40 15.94 -8.63 -28.34
CA ARG E 40 15.76 -9.66 -27.33
C ARG E 40 15.80 -8.99 -25.97
N PRO E 41 15.13 -9.59 -24.96
CA PRO E 41 15.00 -8.97 -23.64
C PRO E 41 16.34 -8.63 -23.01
N GLY E 42 16.49 -7.35 -22.67
CA GLY E 42 17.68 -6.80 -22.04
C GLY E 42 18.88 -6.79 -22.97
N GLN E 43 18.67 -6.61 -24.28
CA GLN E 43 19.76 -6.70 -25.24
C GLN E 43 19.70 -5.58 -26.27
N GLY E 44 20.65 -5.62 -27.22
CA GLY E 44 20.75 -4.61 -28.25
C GLY E 44 19.73 -4.81 -29.38
N LEU E 45 19.96 -4.10 -30.49
CA LEU E 45 19.08 -4.10 -31.65
C LEU E 45 19.71 -4.93 -32.77
N GLU E 46 18.87 -5.65 -33.51
CA GLU E 46 19.31 -6.46 -34.64
C GLU E 46 18.31 -6.26 -35.79
N TRP E 47 18.87 -5.99 -36.97
CA TRP E 47 18.07 -5.77 -38.16
C TRP E 47 17.60 -7.10 -38.74
N ILE E 48 16.31 -7.17 -39.11
CA ILE E 48 15.75 -8.39 -39.69
C ILE E 48 15.79 -8.29 -41.22
N GLY E 49 15.23 -7.22 -41.77
CA GLY E 49 15.09 -7.14 -43.21
C GLY E 49 14.38 -5.85 -43.63
N GLU E 50 14.36 -5.60 -44.96
CA GLU E 50 13.74 -4.40 -45.52
C GLU E 50 12.71 -4.82 -46.56
N ILE E 51 11.74 -3.93 -46.78
CA ILE E 51 10.80 -4.12 -47.86
C ILE E 51 10.59 -2.80 -48.58
N ASN E 52 10.49 -2.90 -49.91
CA ASN E 52 10.23 -1.76 -50.76
C ASN E 52 8.73 -1.77 -50.96
N PRO E 53 8.00 -0.82 -50.37
CA PRO E 53 6.55 -0.87 -50.44
C PRO E 53 5.97 -0.68 -51.83
N SER E 54 6.75 -0.14 -52.78
CA SER E 54 6.21 0.13 -54.10
C SER E 54 6.17 -1.13 -54.96
N ASN E 55 7.08 -2.10 -54.78
CA ASN E 55 7.02 -3.35 -55.55
C ASN E 55 7.03 -4.62 -54.69
N GLY E 56 7.31 -4.49 -53.40
CA GLY E 56 7.28 -5.62 -52.47
C GLY E 56 8.58 -6.40 -52.41
N GLY E 57 9.62 -5.89 -53.08
CA GLY E 57 10.94 -6.49 -53.01
C GLY E 57 11.54 -6.37 -51.61
N THR E 58 12.35 -7.37 -51.25
CA THR E 58 12.81 -7.54 -49.88
C THR E 58 14.30 -7.86 -49.88
N THR E 59 14.93 -7.58 -48.73
CA THR E 59 16.27 -8.02 -48.40
C THR E 59 16.25 -8.49 -46.94
N PHE E 60 16.87 -9.63 -46.65
CA PHE E 60 16.89 -10.18 -45.30
C PHE E 60 18.31 -10.33 -44.77
N ASN E 61 18.41 -10.35 -43.44
CA ASN E 61 19.60 -10.77 -42.72
C ASN E 61 19.74 -12.28 -42.99
N GLU E 62 20.94 -12.76 -43.34
CA GLU E 62 21.18 -14.20 -43.43
C GLU E 62 20.47 -14.96 -42.32
N LYS E 63 20.56 -14.44 -41.08
CA LYS E 63 20.08 -15.15 -39.91
C LYS E 63 18.56 -15.31 -39.91
N PHE E 64 17.81 -14.59 -40.77
CA PHE E 64 16.34 -14.63 -40.75
C PHE E 64 15.76 -15.04 -42.10
N LYS E 65 16.60 -15.56 -43.00
CA LYS E 65 16.19 -16.01 -44.32
C LYS E 65 14.86 -16.77 -44.26
N ASN E 66 14.78 -17.82 -43.45
CA ASN E 66 13.65 -18.73 -43.46
C ASN E 66 12.64 -18.33 -42.39
N LYS E 67 13.08 -17.48 -41.46
CA LYS E 67 12.29 -17.19 -40.28
C LYS E 67 11.14 -16.26 -40.65
N ALA E 68 11.42 -15.23 -41.47
CA ALA E 68 10.54 -14.07 -41.62
C ALA E 68 10.09 -13.91 -43.07
N THR E 69 8.85 -13.48 -43.25
CA THR E 69 8.31 -13.14 -44.54
C THR E 69 7.74 -11.74 -44.48
N LEU E 70 8.15 -10.86 -45.40
CA LEU E 70 7.69 -9.48 -45.38
C LEU E 70 6.80 -9.19 -46.57
N THR E 71 5.70 -8.46 -46.33
CA THR E 71 4.76 -8.05 -47.37
C THR E 71 4.19 -6.68 -47.04
N VAL E 72 3.42 -6.11 -47.99
CA VAL E 72 2.71 -4.86 -47.78
C VAL E 72 1.37 -4.91 -48.51
N ASP E 73 0.39 -4.13 -47.99
CA ASP E 73 -0.75 -3.67 -48.77
C ASP E 73 -0.59 -2.16 -48.98
N LYS E 74 -0.16 -1.75 -50.19
CA LYS E 74 0.03 -0.35 -50.53
C LYS E 74 -1.24 0.46 -50.24
N SER E 75 -2.41 -0.09 -50.61
CA SER E 75 -3.63 0.68 -50.57
C SER E 75 -4.16 0.87 -49.14
N SER E 76 -3.53 0.22 -48.14
CA SER E 76 -3.90 0.42 -46.75
C SER E 76 -2.71 0.86 -45.90
N SER E 77 -1.56 1.07 -46.54
CA SER E 77 -0.37 1.55 -45.86
C SER E 77 0.01 0.65 -44.69
N THR E 78 0.04 -0.66 -44.91
CA THR E 78 0.33 -1.60 -43.84
C THR E 78 1.48 -2.51 -44.29
N ALA E 79 2.51 -2.64 -43.44
CA ALA E 79 3.58 -3.60 -43.65
C ALA E 79 3.33 -4.76 -42.72
N TYR E 80 3.71 -5.96 -43.16
CA TYR E 80 3.47 -7.18 -42.41
C TYR E 80 4.77 -7.95 -42.30
N MET E 81 4.95 -8.61 -41.16
CA MET E 81 6.02 -9.58 -41.03
C MET E 81 5.46 -10.82 -40.40
N GLN E 82 5.73 -11.96 -41.04
CA GLN E 82 5.31 -13.24 -40.51
C GLN E 82 6.54 -14.00 -40.05
N LEU E 83 6.46 -14.55 -38.84
CA LEU E 83 7.52 -15.35 -38.26
C LEU E 83 7.08 -16.80 -38.18
N ASN E 84 7.98 -17.73 -38.52
CA ASN E 84 7.66 -19.14 -38.62
C ASN E 84 8.54 -19.97 -37.70
N SER E 85 8.08 -21.20 -37.41
CA SER E 85 8.85 -22.18 -36.67
C SER E 85 9.48 -21.52 -35.45
N LEU E 86 8.60 -20.93 -34.61
CA LEU E 86 9.05 -20.08 -33.51
C LEU E 86 9.63 -20.96 -32.39
N THR E 87 10.85 -20.63 -31.93
CA THR E 87 11.41 -21.13 -30.68
C THR E 87 11.35 -20.04 -29.61
N SER E 88 11.83 -20.36 -28.40
CA SER E 88 11.82 -19.40 -27.31
C SER E 88 12.93 -18.38 -27.47
N GLU E 89 13.95 -18.74 -28.27
CA GLU E 89 15.02 -17.83 -28.67
C GLU E 89 14.44 -16.64 -29.41
N ASP E 90 13.26 -16.77 -30.02
CA ASP E 90 12.68 -15.70 -30.83
C ASP E 90 11.78 -14.77 -30.01
N SER E 91 11.67 -14.99 -28.70
CA SER E 91 10.92 -14.09 -27.85
C SER E 91 11.66 -12.77 -27.76
N ALA E 92 10.96 -11.68 -28.08
CA ALA E 92 11.60 -10.40 -28.24
C ALA E 92 10.54 -9.33 -28.52
N VAL E 93 10.98 -8.07 -28.56
CA VAL E 93 10.16 -7.01 -29.11
C VAL E 93 10.58 -6.83 -30.57
N TYR E 94 9.57 -6.80 -31.46
CA TYR E 94 9.77 -6.61 -32.88
C TYR E 94 9.28 -5.23 -33.29
N TYR E 95 10.17 -4.42 -33.89
CA TYR E 95 9.85 -3.08 -34.37
C TYR E 95 9.75 -3.06 -35.89
N CYS E 96 8.78 -2.30 -36.41
CA CYS E 96 8.84 -1.84 -37.79
C CYS E 96 9.32 -0.40 -37.74
N THR E 97 10.03 0.06 -38.77
CA THR E 97 10.63 1.38 -38.70
C THR E 97 10.86 1.92 -40.10
N ARG E 98 10.52 3.20 -40.27
CA ARG E 98 10.71 3.90 -41.52
C ARG E 98 12.18 4.32 -41.64
N SER E 99 12.78 4.07 -42.82
CA SER E 99 14.10 4.60 -43.10
C SER E 99 14.02 5.75 -44.09
N ARG E 100 14.90 6.74 -43.90
CA ARG E 100 15.07 7.80 -44.87
C ARG E 100 16.07 7.35 -45.92
N TYR E 101 15.86 7.83 -47.15
CA TYR E 101 16.63 7.43 -48.32
C TYR E 101 17.37 8.64 -48.86
N GLY E 102 18.60 8.43 -49.33
CA GLY E 102 19.43 9.49 -49.85
C GLY E 102 20.83 9.00 -50.16
N ASN E 103 21.43 9.51 -51.24
CA ASN E 103 22.72 9.04 -51.73
C ASN E 103 22.73 7.52 -51.91
N TYR E 104 21.58 6.99 -52.32
CA TYR E 104 21.42 5.59 -52.71
C TYR E 104 21.38 4.64 -51.53
N VAL E 105 21.23 5.15 -50.30
CA VAL E 105 21.16 4.28 -49.13
C VAL E 105 20.07 4.76 -48.18
N ASN E 106 19.66 3.86 -47.29
CA ASN E 106 18.78 4.15 -46.18
C ASN E 106 19.65 4.55 -45.00
N TYR E 107 19.65 5.83 -44.63
CA TYR E 107 20.67 6.37 -43.74
C TYR E 107 20.17 6.65 -42.33
N GLY E 108 18.89 6.40 -42.05
CA GLY E 108 18.37 6.72 -40.74
C GLY E 108 16.95 6.24 -40.55
N MET E 109 16.76 5.39 -39.54
CA MET E 109 15.44 4.91 -39.12
C MET E 109 14.80 5.97 -38.22
N ASP E 110 13.92 6.81 -38.78
CA ASP E 110 13.55 8.08 -38.16
C ASP E 110 12.24 8.01 -37.38
N TYR E 111 11.38 7.06 -37.75
CA TYR E 111 10.17 6.81 -36.99
C TYR E 111 10.06 5.31 -36.73
N TRP E 112 9.71 4.95 -35.48
CA TRP E 112 9.57 3.57 -35.07
C TRP E 112 8.14 3.37 -34.55
N GLY E 113 7.59 2.19 -34.79
CA GLY E 113 6.43 1.73 -34.06
C GLY E 113 6.75 1.56 -32.58
N GLN E 114 5.72 1.26 -31.79
CA GLN E 114 5.86 1.13 -30.34
C GLN E 114 6.45 -0.25 -30.01
N GLY E 115 6.58 -1.11 -31.03
CA GLY E 115 7.08 -2.47 -30.84
C GLY E 115 5.94 -3.45 -30.59
N THR E 116 6.21 -4.73 -30.88
CA THR E 116 5.28 -5.82 -30.66
C THR E 116 6.00 -6.94 -29.90
N SER E 117 5.55 -7.18 -28.67
CA SER E 117 6.09 -8.26 -27.86
C SER E 117 5.56 -9.58 -28.38
N VAL E 118 6.49 -10.45 -28.79
CA VAL E 118 6.20 -11.84 -29.07
C VAL E 118 6.86 -12.70 -28.00
N THR E 119 6.05 -13.55 -27.36
CA THR E 119 6.57 -14.46 -26.34
C THR E 119 6.25 -15.89 -26.75
N VAL E 120 7.29 -16.72 -26.76
CA VAL E 120 7.21 -18.10 -27.19
C VAL E 120 7.59 -19.02 -26.03
N SER E 121 6.58 -19.77 -25.59
CA SER E 121 6.68 -20.70 -24.48
C SER E 121 5.74 -21.85 -24.78
N SER E 122 6.05 -23.03 -24.23
CA SER E 122 5.10 -24.13 -24.23
C SER E 122 4.40 -24.21 -22.88
N ALA E 123 4.60 -23.18 -22.04
CA ALA E 123 4.00 -23.13 -20.72
C ALA E 123 2.50 -22.78 -20.84
N SER E 124 1.75 -23.10 -19.79
CA SER E 124 0.33 -22.78 -19.71
C SER E 124 0.07 -21.79 -18.58
N THR E 125 -1.09 -21.13 -18.61
CA THR E 125 -1.41 -20.13 -17.60
C THR E 125 -1.35 -20.77 -16.22
N THR E 126 -0.57 -20.17 -15.34
CA THR E 126 -0.32 -20.71 -14.02
C THR E 126 -0.31 -19.57 -13.03
N PRO E 127 -1.11 -19.63 -11.96
CA PRO E 127 -1.10 -18.58 -10.94
C PRO E 127 0.18 -18.70 -10.14
N PRO E 128 0.70 -17.59 -9.57
CA PRO E 128 1.84 -17.65 -8.67
C PRO E 128 1.55 -18.24 -7.29
N SER E 129 2.55 -18.93 -6.74
CA SER E 129 2.65 -19.17 -5.31
C SER E 129 3.27 -17.93 -4.68
N VAL E 130 2.63 -17.42 -3.62
CA VAL E 130 3.08 -16.20 -2.98
C VAL E 130 3.50 -16.52 -1.55
N TYR E 131 4.80 -16.43 -1.30
CA TYR E 131 5.39 -16.83 -0.04
C TYR E 131 5.99 -15.61 0.69
N PRO E 132 5.77 -15.48 2.01
CA PRO E 132 6.25 -14.34 2.77
C PRO E 132 7.71 -14.55 3.16
N LEU E 133 8.44 -13.44 3.26
CA LEU E 133 9.81 -13.43 3.72
C LEU E 133 9.93 -12.49 4.93
N ALA E 134 10.09 -13.05 6.13
CA ALA E 134 9.97 -12.31 7.39
C ALA E 134 11.31 -11.77 7.96
N SER E 143 16.54 -1.25 14.23
CA SER E 143 15.55 -0.14 14.16
C SER E 143 14.73 -0.25 12.87
N MET E 144 15.41 -0.20 11.72
CA MET E 144 14.76 -0.33 10.42
C MET E 144 14.88 -1.78 9.91
N VAL E 145 13.77 -2.33 9.40
CA VAL E 145 13.66 -3.75 9.08
C VAL E 145 13.19 -3.96 7.65
N THR E 146 13.63 -5.08 7.05
CA THR E 146 13.29 -5.39 5.67
C THR E 146 12.44 -6.65 5.63
N LEU E 147 11.35 -6.58 4.86
CA LEU E 147 10.53 -7.75 4.63
C LEU E 147 10.41 -7.95 3.12
N GLY E 148 9.86 -9.11 2.75
CA GLY E 148 9.77 -9.47 1.36
C GLY E 148 8.65 -10.44 1.08
N CYS E 149 8.60 -10.85 -0.17
CA CYS E 149 7.44 -11.46 -0.79
C CYS E 149 7.96 -12.14 -2.06
N LEU E 150 7.93 -13.48 -2.08
CA LEU E 150 8.46 -14.25 -3.19
C LEU E 150 7.29 -14.79 -4.01
N VAL E 151 7.32 -14.51 -5.31
CA VAL E 151 6.21 -14.75 -6.23
C VAL E 151 6.68 -15.73 -7.30
N LYS E 152 6.24 -16.99 -7.20
CA LYS E 152 6.97 -18.11 -7.77
C LYS E 152 6.09 -18.94 -8.70
N GLY E 153 6.66 -19.33 -9.85
CA GLY E 153 6.07 -20.34 -10.72
C GLY E 153 4.76 -19.89 -11.37
N TYR E 154 4.78 -18.71 -12.01
CA TYR E 154 3.60 -18.15 -12.63
C TYR E 154 3.83 -17.96 -14.13
N PHE E 155 2.74 -17.98 -14.89
CA PHE E 155 2.82 -17.75 -16.31
C PHE E 155 1.47 -17.24 -16.83
N PRO E 156 1.42 -16.29 -17.80
CA PRO E 156 2.57 -15.54 -18.29
C PRO E 156 2.79 -14.25 -17.52
N GLU E 157 3.70 -13.41 -18.02
CA GLU E 157 3.89 -12.05 -17.52
C GLU E 157 2.68 -11.19 -17.88
N PRO E 158 2.35 -10.15 -17.10
CA PRO E 158 3.07 -9.79 -15.88
C PRO E 158 2.31 -10.13 -14.60
N VAL E 159 2.98 -9.87 -13.47
CA VAL E 159 2.30 -9.70 -12.19
C VAL E 159 2.49 -8.24 -11.76
N THR E 160 1.58 -7.75 -10.92
CA THR E 160 1.79 -6.49 -10.20
C THR E 160 1.91 -6.80 -8.71
N VAL E 161 2.96 -6.27 -8.07
CA VAL E 161 3.13 -6.34 -6.62
C VAL E 161 3.04 -4.93 -6.03
N THR E 162 2.22 -4.77 -4.98
CA THR E 162 2.21 -3.52 -4.22
C THR E 162 2.21 -3.86 -2.73
N TRP E 163 2.55 -2.86 -1.90
CA TRP E 163 2.73 -3.07 -0.48
C TRP E 163 1.77 -2.20 0.32
N ASN E 164 0.99 -2.83 1.20
CA ASN E 164 0.22 -2.13 2.20
C ASN E 164 1.07 -2.03 3.46
N SER E 165 1.93 -1.01 3.51
CA SER E 165 3.00 -0.96 4.52
C SER E 165 2.50 -0.42 5.86
N GLY E 166 1.21 -0.05 5.95
CA GLY E 166 0.75 0.85 7.00
C GLY E 166 0.98 2.31 6.61
N SER E 167 1.30 2.52 5.31
CA SER E 167 1.85 3.77 4.78
C SER E 167 2.77 4.46 5.77
N LEU E 168 3.53 3.69 6.56
CA LEU E 168 4.68 4.22 7.31
C LEU E 168 5.88 4.12 6.38
N SER E 169 6.34 5.30 5.91
CA SER E 169 6.98 5.43 4.61
C SER E 169 7.99 4.30 4.41
N SER E 170 8.16 3.88 3.16
CA SER E 170 8.70 2.57 2.86
C SER E 170 9.57 2.63 1.61
N GLY E 171 10.60 1.79 1.56
CA GLY E 171 11.41 1.60 0.36
C GLY E 171 11.09 0.27 -0.32
N VAL E 172 10.56 0.34 -1.55
CA VAL E 172 10.12 -0.84 -2.28
C VAL E 172 11.08 -1.12 -3.44
N HIS E 173 11.54 -2.37 -3.53
CA HIS E 173 12.22 -2.88 -4.73
C HIS E 173 11.46 -4.11 -5.18
N THR E 174 10.86 -4.03 -6.38
CA THR E 174 10.32 -5.19 -7.05
C THR E 174 11.32 -5.56 -8.14
N PHE E 175 11.84 -6.79 -8.11
CA PHE E 175 12.92 -7.17 -8.99
C PHE E 175 12.35 -7.76 -10.28
N PRO E 176 13.03 -7.58 -11.42
CA PRO E 176 12.62 -8.21 -12.66
C PRO E 176 12.40 -9.71 -12.49
N ALA E 177 11.42 -10.20 -13.24
CA ALA E 177 11.09 -11.62 -13.23
C ALA E 177 12.23 -12.41 -13.85
N VAL E 178 12.22 -13.71 -13.62
CA VAL E 178 13.29 -14.58 -14.04
C VAL E 178 12.68 -15.94 -14.37
N LEU E 179 13.27 -16.64 -15.33
CA LEU E 179 12.71 -17.87 -15.86
C LEU E 179 13.32 -19.04 -15.11
N GLN E 180 12.46 -19.91 -14.54
CA GLN E 180 12.85 -21.07 -13.76
C GLN E 180 11.86 -22.20 -14.08
N SER E 181 12.28 -23.16 -14.92
CA SER E 181 11.41 -24.27 -15.35
C SER E 181 10.30 -23.76 -16.26
N ASP E 182 10.58 -22.81 -17.17
CA ASP E 182 9.60 -22.31 -18.14
C ASP E 182 8.55 -21.42 -17.48
N LEU E 183 8.61 -21.27 -16.15
CA LEU E 183 7.71 -20.41 -15.41
C LEU E 183 8.52 -19.24 -14.85
N TYR E 184 7.84 -18.17 -14.44
CA TYR E 184 8.50 -16.96 -13.98
C TYR E 184 8.50 -16.89 -12.45
N THR E 185 9.57 -16.33 -11.89
CA THR E 185 9.67 -16.03 -10.47
C THR E 185 10.14 -14.59 -10.29
N LEU E 186 9.49 -13.83 -9.38
CA LEU E 186 10.12 -12.60 -8.93
C LEU E 186 10.01 -12.44 -7.42
N SER E 187 10.78 -11.47 -6.92
CA SER E 187 10.79 -11.10 -5.51
C SER E 187 10.55 -9.60 -5.40
N SER E 188 9.97 -9.21 -4.27
CA SER E 188 9.82 -7.82 -3.92
C SER E 188 10.24 -7.66 -2.46
N SER E 189 10.86 -6.52 -2.14
CA SER E 189 11.25 -6.25 -0.78
C SER E 189 10.71 -4.89 -0.38
N VAL E 190 10.50 -4.70 0.92
CA VAL E 190 10.04 -3.44 1.45
C VAL E 190 10.76 -3.19 2.77
N THR E 191 11.24 -1.95 2.95
CA THR E 191 11.93 -1.56 4.18
C THR E 191 11.07 -0.56 4.95
N VAL E 192 10.99 -0.75 6.27
CA VAL E 192 10.19 0.10 7.15
C VAL E 192 10.94 0.26 8.48
N PRO E 193 10.64 1.30 9.31
CA PRO E 193 11.10 1.32 10.71
C PRO E 193 10.35 0.34 11.62
N SER E 194 10.91 0.08 12.83
CA SER E 194 10.52 -1.02 13.72
C SER E 194 9.21 -1.71 13.27
N THR E 201 1.57 -5.04 10.80
CA THR E 201 0.88 -6.05 9.95
C THR E 201 1.02 -5.61 8.50
N VAL E 202 2.23 -5.74 7.96
CA VAL E 202 2.54 -5.34 6.60
C VAL E 202 2.08 -6.43 5.63
N THR E 203 1.58 -6.03 4.45
CA THR E 203 0.95 -6.95 3.53
C THR E 203 1.42 -6.73 2.10
N CYS E 204 1.81 -7.80 1.39
CA CYS E 204 2.08 -7.65 -0.02
C CYS E 204 0.85 -8.07 -0.82
N ASN E 205 0.59 -7.32 -1.91
CA ASN E 205 -0.60 -7.47 -2.72
C ASN E 205 -0.18 -7.86 -4.14
N VAL E 206 -0.42 -9.13 -4.50
CA VAL E 206 0.02 -9.65 -5.78
C VAL E 206 -1.20 -9.84 -6.66
N ALA E 207 -1.11 -9.36 -7.91
CA ALA E 207 -2.13 -9.59 -8.90
C ALA E 207 -1.51 -10.28 -10.12
N HIS E 208 -2.12 -11.40 -10.55
CA HIS E 208 -1.77 -12.03 -11.81
C HIS E 208 -3.03 -12.03 -12.66
N PRO E 209 -3.29 -10.98 -13.48
CA PRO E 209 -4.57 -10.85 -14.19
C PRO E 209 -4.88 -12.05 -15.09
N ALA E 210 -3.85 -12.59 -15.75
CA ALA E 210 -3.99 -13.72 -16.65
C ALA E 210 -4.68 -14.91 -15.96
N SER E 211 -4.47 -15.11 -14.66
CA SER E 211 -5.06 -16.23 -13.94
C SER E 211 -6.17 -15.77 -12.98
N SER E 212 -6.71 -14.57 -13.22
CA SER E 212 -7.68 -13.95 -12.32
C SER E 212 -7.27 -14.15 -10.86
N THR E 213 -6.03 -13.79 -10.53
CA THR E 213 -5.50 -14.00 -9.19
C THR E 213 -5.23 -12.64 -8.55
N LYS E 214 -5.86 -12.36 -7.40
CA LYS E 214 -5.53 -11.24 -6.52
C LYS E 214 -5.44 -11.78 -5.10
N VAL E 215 -4.35 -11.45 -4.42
CA VAL E 215 -4.08 -12.00 -3.11
C VAL E 215 -3.35 -10.97 -2.27
N ASP E 216 -3.66 -10.99 -0.97
CA ASP E 216 -2.99 -10.20 0.06
C ASP E 216 -2.31 -11.20 0.99
N LYS E 217 -0.97 -11.31 0.98
CA LYS E 217 -0.27 -12.15 1.94
C LYS E 217 0.30 -11.26 3.04
N LYS E 218 -0.11 -11.57 4.26
CA LYS E 218 0.30 -10.88 5.46
C LYS E 218 1.71 -11.38 5.77
N ILE E 219 2.63 -10.47 6.11
CA ILE E 219 3.98 -10.86 6.51
C ILE E 219 4.07 -10.87 8.02
N VAL E 220 4.21 -12.07 8.59
CA VAL E 220 4.13 -12.30 10.02
C VAL E 220 5.55 -12.46 10.59
N PRO E 221 6.16 -11.45 11.26
CA PRO E 221 7.42 -11.71 11.98
C PRO E 221 7.25 -12.87 12.96
N ARG E 222 8.32 -13.66 13.14
CA ARG E 222 8.28 -14.91 13.91
C ARG E 222 8.66 -14.58 15.38
N ASP F 1 29.59 -9.63 -41.95
CA ASP F 1 28.91 -8.41 -41.43
C ASP F 1 29.96 -7.46 -40.89
N ILE F 2 29.69 -6.15 -41.00
CA ILE F 2 30.51 -5.19 -40.28
C ILE F 2 30.13 -5.26 -38.80
N VAL F 3 31.17 -5.21 -37.97
CA VAL F 3 31.04 -5.27 -36.52
C VAL F 3 31.25 -3.85 -36.00
N MET F 4 30.33 -3.42 -35.12
CA MET F 4 30.37 -2.11 -34.52
C MET F 4 30.64 -2.29 -33.03
N SER F 5 31.78 -1.77 -32.54
CA SER F 5 32.19 -1.92 -31.16
C SER F 5 32.05 -0.59 -30.44
N GLN F 6 31.27 -0.59 -29.35
CA GLN F 6 31.10 0.62 -28.56
C GLN F 6 31.82 0.46 -27.22
N SER F 7 32.56 1.49 -26.79
CA SER F 7 33.13 1.47 -25.46
C SER F 7 32.94 2.83 -24.81
N PRO F 8 32.79 2.91 -23.46
CA PRO F 8 32.59 1.74 -22.61
C PRO F 8 31.12 1.34 -22.70
N SER F 9 30.77 0.17 -22.16
CA SER F 9 29.40 -0.29 -22.22
C SER F 9 28.53 0.49 -21.23
N SER F 10 29.17 1.02 -20.18
CA SER F 10 28.51 1.73 -19.09
C SER F 10 29.33 2.94 -18.69
N LEU F 11 28.66 4.05 -18.43
CA LEU F 11 29.39 5.25 -18.07
C LEU F 11 28.58 6.09 -17.11
N ALA F 12 29.21 6.46 -16.00
CA ALA F 12 28.55 7.21 -14.94
C ALA F 12 28.87 8.68 -15.16
N VAL F 13 27.85 9.54 -15.08
CA VAL F 13 27.99 10.93 -15.46
C VAL F 13 27.27 11.81 -14.45
N SER F 14 27.68 13.08 -14.44
CA SER F 14 27.08 14.10 -13.61
C SER F 14 26.30 15.05 -14.50
N VAL F 15 25.14 15.51 -14.04
CA VAL F 15 24.45 16.58 -14.73
C VAL F 15 25.44 17.73 -14.89
N GLY F 16 25.63 18.19 -16.14
CA GLY F 16 26.56 19.26 -16.42
C GLY F 16 27.90 18.77 -17.01
N GLU F 17 28.21 17.48 -16.93
CA GLU F 17 29.46 16.96 -17.49
C GLU F 17 29.41 16.94 -19.02
N LYS F 18 30.59 17.07 -19.65
CA LYS F 18 30.84 16.74 -21.04
C LYS F 18 31.10 15.24 -21.13
N VAL F 19 30.52 14.56 -22.12
CA VAL F 19 30.56 13.11 -22.19
C VAL F 19 30.89 12.68 -23.61
N THR F 20 31.83 11.74 -23.73
CA THR F 20 32.23 11.14 -24.98
C THR F 20 31.91 9.66 -25.00
N MET F 21 31.36 9.19 -26.11
CA MET F 21 31.20 7.75 -26.32
C MET F 21 31.98 7.39 -27.57
N SER F 22 32.46 6.14 -27.60
CA SER F 22 33.28 5.64 -28.68
C SER F 22 32.48 4.60 -29.45
N CYS F 23 32.74 4.57 -30.76
CA CYS F 23 32.18 3.59 -31.65
C CYS F 23 33.22 3.29 -32.72
N LYS F 24 33.68 2.04 -32.76
CA LYS F 24 34.69 1.66 -33.74
C LYS F 24 34.06 0.63 -34.67
N SER F 25 34.46 0.70 -35.93
CA SER F 25 33.90 -0.11 -36.99
C SER F 25 34.99 -1.03 -37.54
N SER F 26 34.64 -2.26 -37.93
CA SER F 26 35.60 -3.24 -38.41
C SER F 26 36.02 -2.98 -39.87
N GLN F 27 35.29 -2.14 -40.60
CA GLN F 27 35.68 -1.65 -41.92
C GLN F 27 35.47 -0.13 -41.98
N SER F 28 36.10 0.52 -42.96
CA SER F 28 35.86 1.94 -43.15
C SER F 28 34.42 2.18 -43.61
N LEU F 29 33.77 3.15 -42.97
CA LEU F 29 32.44 3.58 -43.37
C LEU F 29 32.51 4.80 -44.29
N LEU F 30 33.73 5.21 -44.68
CA LEU F 30 33.93 6.41 -45.48
C LEU F 30 33.93 6.01 -46.95
N TYR F 31 33.13 6.69 -47.78
CA TYR F 31 33.06 6.34 -49.18
C TYR F 31 33.88 7.33 -50.00
N SER F 32 35.06 6.84 -50.42
CA SER F 32 35.82 7.45 -51.51
C SER F 32 36.21 8.86 -51.08
N ASN F 33 36.08 9.83 -51.99
CA ASN F 33 36.41 11.21 -51.73
C ASN F 33 35.16 12.02 -51.42
N THR F 34 34.04 11.35 -51.09
CA THR F 34 32.77 12.03 -50.86
C THR F 34 32.73 12.73 -49.51
N GLN F 35 33.67 12.41 -48.62
CA GLN F 35 33.66 12.91 -47.25
C GLN F 35 32.36 12.54 -46.52
N LYS F 36 31.64 11.51 -46.99
CA LYS F 36 30.47 11.01 -46.27
C LYS F 36 30.81 9.68 -45.58
N ASN F 37 30.44 9.63 -44.29
CA ASN F 37 30.63 8.45 -43.45
C ASN F 37 29.26 7.85 -43.14
N TYR F 38 29.14 6.53 -43.34
CA TYR F 38 27.84 5.89 -43.33
C TYR F 38 27.51 5.38 -41.92
N LEU F 39 27.29 6.30 -40.98
CA LEU F 39 27.10 5.95 -39.59
C LEU F 39 25.98 6.80 -38.96
N ALA F 40 25.18 6.17 -38.11
CA ALA F 40 24.13 6.85 -37.39
C ALA F 40 24.26 6.57 -35.90
N TRP F 41 23.68 7.47 -35.09
CA TRP F 41 23.53 7.27 -33.65
C TRP F 41 22.04 7.26 -33.28
N TYR F 42 21.64 6.32 -32.40
CA TYR F 42 20.29 6.24 -31.86
C TYR F 42 20.35 6.33 -30.34
N GLN F 43 19.27 6.86 -29.75
CA GLN F 43 19.06 6.87 -28.30
C GLN F 43 17.89 5.96 -27.95
N GLN F 44 18.03 5.17 -26.86
CA GLN F 44 16.90 4.42 -26.33
C GLN F 44 16.82 4.52 -24.81
N LYS F 45 15.71 5.07 -24.34
CA LYS F 45 15.34 5.07 -22.94
C LYS F 45 14.56 3.78 -22.64
N PRO F 46 14.47 3.32 -21.38
CA PRO F 46 13.84 2.03 -21.09
C PRO F 46 12.34 2.08 -21.38
N GLY F 47 11.86 0.99 -22.00
CA GLY F 47 10.45 0.83 -22.30
C GLY F 47 10.00 1.66 -23.49
N GLN F 48 10.94 2.28 -24.23
CA GLN F 48 10.60 3.07 -25.40
C GLN F 48 11.35 2.58 -26.64
N SER F 49 10.87 2.99 -27.82
CA SER F 49 11.57 2.70 -29.05
C SER F 49 12.75 3.65 -29.21
N PRO F 50 13.75 3.24 -30.01
CA PRO F 50 14.89 4.09 -30.34
C PRO F 50 14.46 5.39 -31.05
N LYS F 51 15.29 6.43 -30.85
CA LYS F 51 15.14 7.74 -31.47
C LYS F 51 16.46 8.02 -32.19
N LEU F 52 16.33 8.41 -33.46
CA LEU F 52 17.49 8.75 -34.29
C LEU F 52 18.01 10.13 -33.90
N LEU F 53 19.32 10.24 -33.70
CA LEU F 53 19.97 11.47 -33.28
C LEU F 53 20.81 12.08 -34.38
N ILE F 54 21.65 11.23 -34.99
CA ILE F 54 22.71 11.64 -35.89
C ILE F 54 22.70 10.67 -37.06
N TYR F 55 22.90 11.20 -38.28
CA TYR F 55 23.19 10.36 -39.43
C TYR F 55 24.32 11.00 -40.22
N TRP F 56 24.87 10.26 -41.18
CA TRP F 56 26.10 10.67 -41.87
C TRP F 56 27.15 11.11 -40.86
N ALA F 57 27.30 10.35 -39.77
CA ALA F 57 28.31 10.55 -38.72
C ALA F 57 28.06 11.78 -37.87
N SER F 58 27.62 12.90 -38.47
CA SER F 58 27.71 14.17 -37.80
C SER F 58 26.49 15.08 -38.03
N THR F 59 25.52 14.63 -38.84
CA THR F 59 24.35 15.45 -39.12
C THR F 59 23.27 15.10 -38.10
N ARG F 60 22.70 16.15 -37.48
CA ARG F 60 21.72 16.01 -36.41
C ARG F 60 20.33 15.88 -37.02
N GLU F 61 19.59 14.87 -36.58
CA GLU F 61 18.18 14.73 -36.91
C GLU F 61 17.47 15.99 -36.46
N SER F 62 16.45 16.40 -37.22
CA SER F 62 15.53 17.45 -36.83
C SER F 62 15.08 17.26 -35.38
N GLY F 63 15.15 18.36 -34.61
CA GLY F 63 14.66 18.37 -33.24
C GLY F 63 15.67 17.82 -32.24
N VAL F 64 16.91 17.63 -32.66
CA VAL F 64 17.96 17.15 -31.76
C VAL F 64 18.83 18.35 -31.38
N PRO F 65 18.94 18.70 -30.08
CA PRO F 65 19.69 19.90 -29.70
C PRO F 65 21.18 19.75 -30.06
N ASP F 66 21.86 20.88 -30.21
CA ASP F 66 23.23 20.86 -30.64
C ASP F 66 24.15 20.51 -29.48
N ARG F 67 23.62 20.18 -28.30
CA ARG F 67 24.54 19.65 -27.30
C ARG F 67 24.85 18.18 -27.57
N PHE F 68 24.31 17.64 -28.67
CA PHE F 68 24.78 16.38 -29.25
C PHE F 68 25.64 16.63 -30.49
N THR F 69 26.82 15.99 -30.54
CA THR F 69 27.79 16.16 -31.61
C THR F 69 28.34 14.81 -32.01
N GLY F 70 28.14 14.44 -33.27
CA GLY F 70 28.76 13.25 -33.83
C GLY F 70 30.04 13.63 -34.58
N SER F 71 31.03 12.74 -34.59
CA SER F 71 32.23 13.04 -35.36
C SER F 71 33.10 11.80 -35.55
N GLY F 72 34.21 11.99 -36.26
CA GLY F 72 35.11 10.93 -36.65
C GLY F 72 34.91 10.55 -38.11
N SER F 73 35.67 9.55 -38.55
CA SER F 73 35.80 9.26 -39.96
C SER F 73 36.47 7.90 -40.12
N GLY F 74 36.06 7.16 -41.16
CA GLY F 74 36.67 5.88 -41.45
C GLY F 74 36.15 4.79 -40.52
N THR F 75 36.85 4.56 -39.40
CA THR F 75 36.52 3.47 -38.48
C THR F 75 36.24 3.96 -37.07
N ASP F 76 36.67 5.19 -36.72
CA ASP F 76 36.63 5.67 -35.34
C ASP F 76 35.68 6.86 -35.23
N PHE F 77 34.55 6.68 -34.53
CA PHE F 77 33.54 7.70 -34.36
C PHE F 77 33.25 7.89 -32.88
N THR F 78 32.78 9.10 -32.56
CA THR F 78 32.42 9.43 -31.19
C THR F 78 31.11 10.22 -31.19
N LEU F 79 30.36 10.05 -30.09
CA LEU F 79 29.20 10.86 -29.80
C LEU F 79 29.50 11.67 -28.55
N THR F 80 29.25 12.99 -28.61
CA THR F 80 29.54 13.87 -27.51
C THR F 80 28.27 14.56 -27.03
N ILE F 81 28.01 14.48 -25.71
CA ILE F 81 26.98 15.29 -25.11
C ILE F 81 27.69 16.37 -24.30
N SER F 82 27.63 17.62 -24.77
CA SER F 82 28.51 18.67 -24.27
C SER F 82 28.12 19.09 -22.85
N SER F 83 26.86 18.88 -22.46
CA SER F 83 26.41 19.26 -21.13
C SER F 83 25.23 18.39 -20.73
N VAL F 84 25.52 17.31 -20.01
CA VAL F 84 24.56 16.25 -19.80
C VAL F 84 23.40 16.76 -18.95
N LYS F 85 22.18 16.42 -19.39
CA LYS F 85 20.97 16.64 -18.62
C LYS F 85 20.42 15.28 -18.18
N ALA F 86 19.58 15.27 -17.15
CA ALA F 86 18.99 14.04 -16.66
C ALA F 86 18.21 13.34 -17.77
N GLU F 87 17.54 14.12 -18.64
CA GLU F 87 16.73 13.53 -19.70
C GLU F 87 17.63 12.89 -20.77
N ASN F 88 18.95 12.90 -20.58
CA ASN F 88 19.88 12.32 -21.54
C ASN F 88 20.34 10.93 -21.09
N LEU F 89 19.87 10.48 -19.92
CA LEU F 89 20.27 9.18 -19.40
C LEU F 89 19.55 8.10 -20.20
N ALA F 90 20.33 7.27 -20.91
CA ALA F 90 19.77 6.32 -21.84
C ALA F 90 20.89 5.42 -22.35
N VAL F 91 20.53 4.46 -23.21
CA VAL F 91 21.50 3.71 -23.99
C VAL F 91 21.63 4.40 -25.34
N TYR F 92 22.87 4.51 -25.82
CA TYR F 92 23.15 5.05 -27.13
C TYR F 92 23.75 3.94 -28.00
N TYR F 93 23.18 3.76 -29.20
CA TYR F 93 23.65 2.79 -30.17
C TYR F 93 24.23 3.51 -31.37
N CYS F 94 25.31 2.95 -31.93
CA CYS F 94 25.79 3.40 -33.22
C CYS F 94 25.36 2.34 -34.23
N GLN F 95 25.38 2.69 -35.51
CA GLN F 95 24.84 1.84 -36.54
C GLN F 95 25.40 2.23 -37.89
N GLN F 96 25.92 1.24 -38.64
CA GLN F 96 26.46 1.47 -39.97
C GLN F 96 25.41 1.07 -40.99
N TYR F 97 25.37 1.82 -42.10
CA TYR F 97 24.56 1.47 -43.27
C TYR F 97 25.43 1.50 -44.53
N TYR F 98 26.71 1.18 -44.37
CA TYR F 98 27.61 1.08 -45.49
C TYR F 98 27.31 -0.21 -46.24
N ARG F 99 26.94 -1.25 -45.48
CA ARG F 99 26.75 -2.55 -46.07
C ARG F 99 25.51 -3.18 -45.46
N TYR F 100 24.86 -4.02 -46.25
CA TYR F 100 23.86 -4.95 -45.77
C TYR F 100 24.58 -6.19 -45.20
N PRO F 101 24.14 -6.75 -44.06
CA PRO F 101 23.06 -6.17 -43.26
C PRO F 101 23.52 -4.91 -42.51
N PRO F 102 22.67 -3.89 -42.31
CA PRO F 102 22.97 -2.83 -41.36
C PRO F 102 23.14 -3.47 -39.98
N THR F 103 24.11 -2.94 -39.23
CA THR F 103 24.47 -3.51 -37.95
C THR F 103 24.59 -2.40 -36.92
N PHE F 104 24.20 -2.72 -35.69
CA PHE F 104 24.30 -1.78 -34.58
C PHE F 104 25.48 -2.18 -33.70
N GLY F 105 26.00 -1.19 -32.96
CA GLY F 105 26.90 -1.49 -31.85
C GLY F 105 26.12 -2.06 -30.67
N GLY F 106 26.88 -2.44 -29.62
CA GLY F 106 26.31 -3.09 -28.46
C GLY F 106 25.68 -2.11 -27.46
N GLY F 107 25.87 -0.81 -27.68
CA GLY F 107 25.29 0.22 -26.84
C GLY F 107 26.25 0.70 -25.77
N THR F 108 26.05 1.96 -25.35
CA THR F 108 26.68 2.55 -24.18
C THR F 108 25.58 3.14 -23.31
N LYS F 109 25.46 2.64 -22.08
CA LYS F 109 24.41 3.03 -21.16
C LYS F 109 24.96 4.18 -20.32
N LEU F 110 24.20 5.28 -20.26
CA LEU F 110 24.57 6.42 -19.44
C LEU F 110 23.81 6.37 -18.11
N GLU F 111 24.56 6.39 -17.00
CA GLU F 111 23.98 6.35 -15.66
C GLU F 111 24.46 7.55 -14.88
N LEU F 112 23.82 7.79 -13.75
CA LEU F 112 24.13 8.94 -12.94
C LEU F 112 25.14 8.52 -11.88
N LYS F 113 26.19 9.33 -11.74
CA LYS F 113 27.21 9.19 -10.71
C LYS F 113 26.62 9.68 -9.40
N ARG F 114 26.97 9.00 -8.29
CA ARG F 114 26.62 9.43 -6.95
C ARG F 114 27.66 8.85 -5.97
N ALA F 115 27.54 9.18 -4.69
CA ALA F 115 28.54 8.69 -3.75
C ALA F 115 28.33 7.19 -3.53
N ASP F 116 29.41 6.50 -3.11
CA ASP F 116 29.33 5.07 -2.87
C ASP F 116 28.36 4.80 -1.73
N ALA F 117 27.72 3.63 -1.79
CA ALA F 117 26.75 3.21 -0.80
C ALA F 117 26.86 1.70 -0.65
N ALA F 118 27.04 1.25 0.59
CA ALA F 118 27.14 -0.17 0.90
C ALA F 118 25.76 -0.80 0.82
N PRO F 119 25.65 -2.04 0.29
CA PRO F 119 24.37 -2.74 0.25
C PRO F 119 23.88 -3.03 1.67
N THR F 120 22.58 -2.86 1.88
CA THR F 120 21.88 -3.47 3.00
C THR F 120 21.52 -4.91 2.61
N VAL F 121 21.94 -5.88 3.44
CA VAL F 121 21.80 -7.29 3.10
C VAL F 121 20.87 -8.00 4.08
N SER F 122 19.89 -8.72 3.53
CA SER F 122 18.86 -9.43 4.28
C SER F 122 18.72 -10.84 3.73
N ILE F 123 18.79 -11.85 4.59
CA ILE F 123 18.61 -13.22 4.17
C ILE F 123 17.32 -13.74 4.78
N PHE F 124 16.65 -14.66 4.08
CA PHE F 124 15.35 -15.13 4.50
C PHE F 124 15.25 -16.65 4.34
N PRO F 125 14.92 -17.38 5.43
CA PRO F 125 14.61 -18.80 5.33
C PRO F 125 13.41 -19.04 4.42
N PRO F 126 13.26 -20.26 3.88
CA PRO F 126 11.99 -20.64 3.27
C PRO F 126 10.88 -20.50 4.31
N SER F 127 9.74 -19.97 3.86
CA SER F 127 8.49 -19.96 4.60
C SER F 127 8.02 -21.39 4.83
N SER F 128 7.27 -21.62 5.91
CA SER F 128 6.73 -22.94 6.15
C SER F 128 5.62 -23.23 5.15
N GLU F 129 4.97 -22.20 4.59
CA GLU F 129 4.04 -22.41 3.48
C GLU F 129 4.74 -23.22 2.38
N GLN F 130 5.98 -22.81 2.03
CA GLN F 130 6.66 -23.38 0.88
C GLN F 130 7.15 -24.78 1.21
N LEU F 131 7.72 -24.96 2.41
CA LEU F 131 8.24 -26.25 2.85
C LEU F 131 7.17 -27.33 2.73
N THR F 132 5.92 -26.91 2.91
CA THR F 132 4.75 -27.77 2.77
C THR F 132 4.56 -28.25 1.34
N SER F 133 4.92 -27.42 0.34
CA SER F 133 4.82 -27.86 -1.04
C SER F 133 6.05 -28.71 -1.40
N GLY F 134 7.04 -28.81 -0.51
CA GLY F 134 8.19 -29.67 -0.72
C GLY F 134 9.24 -29.00 -1.58
N GLY F 135 9.28 -27.66 -1.53
CA GLY F 135 10.37 -26.88 -2.08
C GLY F 135 10.97 -25.97 -1.01
N ALA F 136 12.09 -25.31 -1.32
CA ALA F 136 12.73 -24.43 -0.34
C ALA F 136 13.57 -23.38 -1.02
N SER F 137 13.11 -22.12 -0.97
CA SER F 137 13.87 -21.04 -1.56
C SER F 137 14.43 -20.15 -0.44
N VAL F 138 15.76 -20.00 -0.48
CA VAL F 138 16.45 -19.07 0.37
C VAL F 138 16.70 -17.81 -0.45
N VAL F 139 16.21 -16.68 0.05
CA VAL F 139 16.31 -15.42 -0.64
C VAL F 139 17.27 -14.51 0.13
N CYS F 140 18.02 -13.70 -0.63
CA CYS F 140 18.96 -12.73 -0.11
C CYS F 140 18.79 -11.42 -0.88
N PHE F 141 18.39 -10.32 -0.21
CA PHE F 141 18.29 -9.01 -0.82
C PHE F 141 19.57 -8.22 -0.56
N LEU F 142 20.08 -7.56 -1.60
CA LEU F 142 21.20 -6.64 -1.48
C LEU F 142 20.74 -5.30 -2.04
N ASN F 143 20.40 -4.35 -1.15
CA ASN F 143 19.61 -3.20 -1.52
C ASN F 143 20.42 -1.91 -1.36
N ASN F 144 20.29 -1.04 -2.38
CA ASN F 144 20.64 0.36 -2.33
C ASN F 144 22.15 0.53 -2.20
N PHE F 145 22.89 -0.14 -3.08
CA PHE F 145 24.33 -0.04 -3.16
C PHE F 145 24.71 0.83 -4.35
N TYR F 146 25.91 1.41 -4.28
CA TYR F 146 26.53 2.06 -5.42
C TYR F 146 28.03 1.88 -5.23
N PRO F 147 28.82 1.54 -6.28
CA PRO F 147 28.33 1.41 -7.65
C PRO F 147 27.75 0.02 -7.92
N LYS F 148 27.39 -0.24 -9.18
CA LYS F 148 26.45 -1.30 -9.51
C LYS F 148 27.13 -2.69 -9.60
N ASP F 149 28.46 -2.70 -9.62
CA ASP F 149 29.21 -3.93 -9.75
C ASP F 149 29.14 -4.66 -8.41
N ILE F 150 28.68 -5.91 -8.46
CA ILE F 150 28.58 -6.72 -7.27
C ILE F 150 28.67 -8.19 -7.65
N ASN F 151 29.25 -9.00 -6.77
CA ASN F 151 29.31 -10.45 -6.93
C ASN F 151 28.64 -11.10 -5.70
N VAL F 152 27.74 -12.08 -5.92
CA VAL F 152 27.14 -12.81 -4.81
C VAL F 152 27.52 -14.28 -4.90
N LYS F 153 27.74 -14.88 -3.73
CA LYS F 153 28.20 -16.25 -3.60
C LYS F 153 27.37 -16.89 -2.49
N TRP F 154 26.95 -18.15 -2.68
CA TRP F 154 26.20 -18.87 -1.67
C TRP F 154 27.12 -19.90 -1.00
N LYS F 155 26.92 -20.10 0.30
CA LYS F 155 27.64 -21.10 1.07
C LYS F 155 26.63 -21.91 1.89
N ILE F 156 26.74 -23.25 1.86
CA ILE F 156 25.98 -24.16 2.70
C ILE F 156 26.94 -24.91 3.61
N ASP F 157 26.78 -24.71 4.93
CA ASP F 157 27.68 -25.23 5.94
C ASP F 157 29.14 -25.03 5.52
N GLY F 158 29.47 -23.85 4.98
CA GLY F 158 30.86 -23.49 4.70
C GLY F 158 31.28 -23.73 3.25
N SER F 159 30.55 -24.58 2.51
CA SER F 159 30.92 -24.94 1.14
C SER F 159 30.14 -24.15 0.11
N GLU F 160 30.87 -23.48 -0.79
CA GLU F 160 30.25 -22.74 -1.88
C GLU F 160 29.26 -23.66 -2.59
N ARG F 161 28.21 -23.06 -3.16
CA ARG F 161 27.18 -23.76 -3.87
C ARG F 161 26.74 -22.89 -5.05
N GLN F 162 26.75 -23.47 -6.26
CA GLN F 162 26.51 -22.71 -7.48
C GLN F 162 25.17 -23.08 -8.11
N ASN F 163 24.68 -24.31 -7.90
CA ASN F 163 23.46 -24.82 -8.52
C ASN F 163 22.21 -24.30 -7.79
N GLY F 164 21.17 -24.07 -8.59
CA GLY F 164 19.87 -23.69 -8.06
C GLY F 164 19.82 -22.23 -7.64
N VAL F 165 20.75 -21.41 -8.17
CA VAL F 165 20.85 -20.01 -7.79
C VAL F 165 20.31 -19.19 -8.96
N LEU F 166 19.42 -18.23 -8.68
CA LEU F 166 18.93 -17.30 -9.67
C LEU F 166 19.04 -15.87 -9.15
N ASN F 167 19.53 -14.96 -9.99
CA ASN F 167 19.70 -13.58 -9.58
C ASN F 167 18.87 -12.64 -10.42
N SER F 168 18.63 -11.45 -9.88
CA SER F 168 17.81 -10.44 -10.54
C SER F 168 18.27 -9.07 -10.07
N TRP F 169 18.51 -8.14 -11.01
CA TRP F 169 19.11 -6.83 -10.74
C TRP F 169 18.15 -5.71 -11.16
N THR F 170 18.00 -4.68 -10.33
CA THR F 170 17.18 -3.55 -10.72
C THR F 170 18.04 -2.59 -11.53
N ASP F 171 17.36 -1.80 -12.37
CA ASP F 171 17.96 -0.66 -13.05
C ASP F 171 18.24 0.42 -11.99
N GLN F 172 19.05 1.41 -12.36
CA GLN F 172 19.37 2.50 -11.45
C GLN F 172 18.06 3.13 -11.00
N ASP F 173 17.97 3.36 -9.68
CA ASP F 173 16.79 3.91 -9.05
C ASP F 173 16.70 5.39 -9.40
N SER F 174 15.48 5.90 -9.62
CA SER F 174 15.33 7.29 -10.02
C SER F 174 15.21 8.21 -8.81
N LYS F 175 14.97 7.65 -7.63
CA LYS F 175 14.87 8.49 -6.44
C LYS F 175 16.26 8.67 -5.80
N ASP F 176 17.07 7.60 -5.67
CA ASP F 176 18.36 7.76 -5.00
C ASP F 176 19.56 7.34 -5.86
N SER F 177 19.37 6.96 -7.12
CA SER F 177 20.47 6.59 -8.01
C SER F 177 21.21 5.32 -7.56
N THR F 178 20.63 4.50 -6.69
CA THR F 178 21.30 3.28 -6.28
C THR F 178 20.81 2.14 -7.15
N TYR F 179 21.45 0.99 -6.93
CA TYR F 179 21.07 -0.27 -7.53
C TYR F 179 20.71 -1.25 -6.42
N SER F 180 19.97 -2.30 -6.78
CA SER F 180 19.65 -3.38 -5.87
C SER F 180 19.71 -4.71 -6.61
N MET F 181 19.84 -5.81 -5.87
CA MET F 181 19.91 -7.13 -6.44
C MET F 181 19.19 -8.12 -5.54
N SER F 182 18.62 -9.18 -6.15
CA SER F 182 17.97 -10.26 -5.41
C SER F 182 18.56 -11.59 -5.87
N SER F 183 18.95 -12.43 -4.90
CA SER F 183 19.54 -13.73 -5.17
C SER F 183 18.76 -14.82 -4.47
N THR F 184 18.44 -15.89 -5.19
CA THR F 184 17.57 -16.92 -4.66
C THR F 184 18.23 -18.30 -4.85
N LEU F 185 18.45 -19.00 -3.73
CA LEU F 185 18.94 -20.37 -3.71
C LEU F 185 17.75 -21.31 -3.54
N THR F 186 17.49 -22.14 -4.56
CA THR F 186 16.33 -23.01 -4.59
C THR F 186 16.76 -24.46 -4.44
N LEU F 187 16.21 -25.14 -3.44
CA LEU F 187 16.53 -26.52 -3.10
C LEU F 187 15.23 -27.31 -2.97
N THR F 188 15.35 -28.64 -2.99
CA THR F 188 14.28 -29.49 -2.50
C THR F 188 14.15 -29.24 -1.00
N LYS F 189 12.98 -29.57 -0.42
CA LYS F 189 12.79 -29.53 1.02
C LYS F 189 13.69 -30.53 1.71
N ASP F 190 13.90 -31.73 1.12
CA ASP F 190 14.74 -32.72 1.77
C ASP F 190 16.18 -32.20 1.88
N GLU F 191 16.72 -31.65 0.77
CA GLU F 191 18.10 -31.19 0.78
C GLU F 191 18.24 -30.03 1.77
N TYR F 192 17.29 -29.12 1.74
CA TYR F 192 17.33 -27.99 2.66
C TYR F 192 17.44 -28.49 4.10
N GLU F 193 16.71 -29.55 4.45
CA GLU F 193 16.63 -29.97 5.84
C GLU F 193 17.82 -30.85 6.22
N ARG F 194 18.70 -31.17 5.25
CA ARG F 194 19.91 -31.93 5.48
C ARG F 194 21.09 -31.04 5.89
N HIS F 195 20.94 -29.72 5.85
CA HIS F 195 22.03 -28.79 6.13
C HIS F 195 21.54 -27.72 7.09
N ASN F 196 22.50 -27.11 7.80
CA ASN F 196 22.20 -26.27 8.95
C ASN F 196 22.41 -24.79 8.64
N SER F 197 23.59 -24.45 8.09
CA SER F 197 24.01 -23.08 7.90
C SER F 197 23.86 -22.63 6.45
N TYR F 198 23.18 -21.50 6.22
CA TYR F 198 23.03 -20.94 4.88
C TYR F 198 23.60 -19.53 4.88
N THR F 199 24.51 -19.26 3.94
CA THR F 199 25.22 -17.99 3.94
C THR F 199 25.12 -17.36 2.56
N CYS F 200 25.03 -16.04 2.60
CA CYS F 200 24.99 -15.19 1.44
C CYS F 200 26.14 -14.19 1.54
N GLU F 201 27.11 -14.27 0.61
CA GLU F 201 28.32 -13.45 0.64
C GLU F 201 28.30 -12.48 -0.53
N ALA F 202 28.42 -11.18 -0.27
CA ALA F 202 28.66 -10.22 -1.33
C ALA F 202 30.10 -9.69 -1.32
N THR F 203 30.56 -9.39 -2.54
CA THR F 203 31.76 -8.60 -2.81
C THR F 203 31.33 -7.28 -3.43
N HIS F 204 31.77 -6.17 -2.83
CA HIS F 204 31.40 -4.83 -3.29
C HIS F 204 32.50 -3.85 -2.94
N LYS F 205 32.63 -2.73 -3.67
CA LYS F 205 33.84 -1.96 -3.52
C LYS F 205 33.87 -1.30 -2.14
N THR F 206 32.69 -1.12 -1.51
CA THR F 206 32.60 -0.48 -0.21
C THR F 206 33.10 -1.35 0.94
N SER F 207 33.39 -2.64 0.69
CA SER F 207 33.99 -3.47 1.72
C SER F 207 35.28 -4.14 1.27
N THR F 208 36.28 -4.19 2.14
CA THR F 208 37.52 -4.87 1.79
C THR F 208 37.40 -6.36 2.08
N SER F 209 36.35 -6.73 2.82
CA SER F 209 36.08 -8.11 3.15
C SER F 209 34.70 -8.49 2.61
N PRO F 210 34.44 -9.78 2.34
CA PRO F 210 33.10 -10.16 1.92
C PRO F 210 32.06 -9.76 2.96
N ILE F 211 30.88 -9.36 2.46
CA ILE F 211 29.75 -8.98 3.30
C ILE F 211 28.88 -10.22 3.48
N VAL F 212 28.71 -10.64 4.73
CA VAL F 212 28.12 -11.93 5.00
C VAL F 212 26.78 -11.71 5.70
N LYS F 213 25.73 -12.38 5.23
CA LYS F 213 24.58 -12.66 6.06
C LYS F 213 24.32 -14.17 6.10
N SER F 214 24.16 -14.74 7.33
CA SER F 214 23.84 -16.15 7.50
C SER F 214 22.64 -16.35 8.42
N PHE F 215 22.07 -17.56 8.39
CA PHE F 215 21.24 -18.03 9.48
C PHE F 215 21.46 -19.53 9.65
N ASN F 216 21.19 -20.03 10.86
CA ASN F 216 21.23 -21.46 11.12
C ASN F 216 19.80 -21.95 11.28
N ARG F 217 19.49 -23.04 10.58
CA ARG F 217 18.13 -23.51 10.40
C ARG F 217 17.45 -23.82 11.74
N ASN F 218 18.21 -24.32 12.72
CA ASN F 218 17.67 -24.54 14.06
C ASN F 218 17.92 -23.29 14.92
N GLU F 219 17.31 -22.18 14.49
CA GLU F 219 17.42 -20.86 15.11
C GLU F 219 16.53 -19.91 14.29
#